data_7AAO
#
_entry.id   7AAO
#
_entity_poly.entity_id   1
_entity_poly.type   'polypeptide(L)'
_entity_poly.pdbx_seq_one_letter_code
;SISVSAMESYRSFRVPAINVAQQPAVTLPVTTIVPDSPNKIYVGGLPTCLNQDQVKELLQSFGELKGLNLVMDTNTNLNK
GFAFFEYCDPSVTDHAIAGLHGMLLGDRRLVVQRSIPGGKNA
;
_entity_poly.pdbx_strand_id   A
#
# COMPACT_ATOMS: atom_id res chain seq x y z
N SER A 1 19.30 -7.89 -1.49
CA SER A 1 18.50 -7.53 -0.29
C SER A 1 17.12 -7.03 -0.70
N ILE A 2 16.17 -7.15 0.22
CA ILE A 2 14.80 -6.66 0.04
C ILE A 2 13.98 -7.53 -0.93
N SER A 3 14.62 -8.08 -1.94
CA SER A 3 13.93 -8.92 -2.91
C SER A 3 13.52 -10.26 -2.30
N VAL A 4 12.33 -10.28 -1.68
CA VAL A 4 11.80 -11.47 -1.02
C VAL A 4 12.74 -11.91 0.11
N SER A 5 13.35 -10.93 0.77
CA SER A 5 14.30 -11.19 1.82
C SER A 5 13.60 -11.64 3.10
N ALA A 6 12.84 -10.73 3.71
CA ALA A 6 12.08 -11.04 4.91
C ALA A 6 10.80 -11.78 4.55
N MET A 7 10.98 -12.95 3.95
CA MET A 7 9.86 -13.75 3.48
C MET A 7 9.03 -14.28 4.64
N GLU A 8 7.88 -13.65 4.85
CA GLU A 8 6.91 -14.08 5.86
C GLU A 8 7.54 -14.12 7.25
N SER A 9 8.03 -12.97 7.71
CA SER A 9 8.63 -12.86 9.02
C SER A 9 7.54 -12.80 10.08
N TYR A 10 6.34 -12.44 9.66
CA TYR A 10 5.19 -12.39 10.53
C TYR A 10 4.07 -13.28 9.98
N ARG A 11 4.07 -14.54 10.41
CA ARG A 11 3.08 -15.50 9.95
C ARG A 11 1.92 -15.61 10.94
N SER A 12 2.23 -16.16 12.11
CA SER A 12 1.22 -16.35 13.14
C SER A 12 1.68 -15.64 14.42
N PHE A 13 0.72 -15.12 15.18
CA PHE A 13 1.02 -14.32 16.37
C PHE A 13 1.82 -13.08 15.96
N ARG A 14 2.51 -12.49 16.93
CA ARG A 14 3.34 -11.32 16.69
C ARG A 14 2.50 -10.10 16.34
N VAL A 15 2.55 -9.14 17.24
CA VAL A 15 1.92 -7.84 17.02
C VAL A 15 2.47 -7.19 15.74
N PRO A 16 1.70 -6.26 15.13
CA PRO A 16 2.08 -5.59 13.88
C PRO A 16 3.51 -5.04 13.94
N ALA A 17 4.16 -5.01 12.78
CA ALA A 17 5.56 -4.62 12.67
C ALA A 17 5.80 -3.24 13.24
N ILE A 18 6.93 -3.11 13.93
CA ILE A 18 7.33 -1.88 14.59
C ILE A 18 6.21 -1.40 15.52
N ASN A 19 6.10 -2.08 16.65
CA ASN A 19 5.11 -1.74 17.66
C ASN A 19 5.61 -2.16 19.03
N VAL A 20 5.21 -1.41 20.05
CA VAL A 20 5.64 -1.67 21.43
C VAL A 20 7.15 -1.52 21.59
N ALA A 21 7.61 -0.28 21.59
CA ALA A 21 9.04 0.03 21.70
C ALA A 21 9.23 1.50 22.03
N GLN A 22 9.72 2.27 21.06
CA GLN A 22 9.79 3.71 21.20
C GLN A 22 8.58 4.34 20.54
N GLN A 23 7.63 3.48 20.23
CA GLN A 23 6.36 3.87 19.64
C GLN A 23 5.24 3.32 20.50
N PRO A 24 4.21 4.14 20.79
CA PRO A 24 3.06 3.74 21.60
C PRO A 24 2.49 2.39 21.16
N ALA A 25 2.33 1.49 22.13
CA ALA A 25 1.84 0.14 21.88
C ALA A 25 0.40 0.17 21.39
N VAL A 26 0.23 0.02 20.09
CA VAL A 26 -1.09 0.01 19.50
C VAL A 26 -1.67 -1.40 19.42
N THR A 27 -2.84 -1.52 18.83
CA THR A 27 -3.51 -2.79 18.66
C THR A 27 -2.98 -3.52 17.42
N LEU A 28 -3.83 -4.33 16.82
CA LEU A 28 -3.53 -5.00 15.55
C LEU A 28 -3.22 -3.97 14.45
N PRO A 29 -2.71 -4.43 13.27
CA PRO A 29 -2.37 -3.61 12.10
C PRO A 29 -2.98 -2.21 12.09
N VAL A 30 -2.09 -1.23 11.92
CA VAL A 30 -2.44 0.18 12.03
C VAL A 30 -3.33 0.63 10.88
N THR A 31 -3.94 1.80 11.06
CA THR A 31 -4.79 2.44 10.05
C THR A 31 -3.99 2.80 8.78
N THR A 32 -4.46 3.79 8.02
CA THR A 32 -3.82 4.24 6.78
C THR A 32 -2.30 4.32 6.91
N ILE A 33 -1.82 4.66 8.10
CA ILE A 33 -0.40 4.66 8.38
C ILE A 33 0.13 3.23 8.42
N VAL A 34 0.65 2.78 7.30
CA VAL A 34 1.13 1.41 7.15
C VAL A 34 2.50 1.24 7.84
N PRO A 35 2.63 0.21 8.68
CA PRO A 35 3.90 -0.10 9.34
C PRO A 35 4.94 -0.63 8.36
N ASP A 36 6.20 -0.63 8.79
CA ASP A 36 7.30 -1.09 7.95
C ASP A 36 7.34 -2.63 7.94
N SER A 37 6.29 -3.20 7.35
CA SER A 37 6.12 -4.65 7.26
C SER A 37 6.86 -5.21 6.04
N PRO A 38 7.18 -6.52 6.06
CA PRO A 38 7.81 -7.20 4.92
C PRO A 38 6.91 -7.24 3.68
N ASN A 39 5.62 -7.01 3.90
CA ASN A 39 4.64 -7.02 2.82
C ASN A 39 4.38 -5.60 2.35
N LYS A 40 5.25 -4.68 2.76
CA LYS A 40 5.13 -3.26 2.41
C LYS A 40 5.71 -3.01 1.03
N ILE A 41 4.83 -2.69 0.10
CA ILE A 41 5.21 -2.46 -1.29
C ILE A 41 5.05 -0.98 -1.65
N TYR A 42 5.95 -0.50 -2.47
CA TYR A 42 6.01 0.91 -2.84
C TYR A 42 5.26 1.20 -4.14
N VAL A 43 4.56 2.32 -4.17
CA VAL A 43 3.85 2.77 -5.35
C VAL A 43 4.37 4.14 -5.78
N GLY A 44 4.81 4.26 -7.02
CA GLY A 44 5.29 5.54 -7.50
C GLY A 44 4.74 5.92 -8.86
N GLY A 45 3.82 6.86 -8.87
CA GLY A 45 3.21 7.30 -10.12
C GLY A 45 1.71 7.45 -9.99
N LEU A 46 1.29 8.12 -8.94
CA LEU A 46 -0.13 8.31 -8.68
C LEU A 46 -0.55 9.73 -8.99
N PRO A 47 -1.73 9.91 -9.58
CA PRO A 47 -2.32 11.23 -9.82
C PRO A 47 -2.58 11.98 -8.52
N THR A 48 -2.27 13.26 -8.53
CA THR A 48 -2.44 14.12 -7.35
C THR A 48 -3.91 14.22 -6.93
N CYS A 49 -4.82 14.02 -7.88
CA CYS A 49 -6.25 14.12 -7.60
C CYS A 49 -6.86 12.72 -7.39
N LEU A 50 -6.00 11.71 -7.32
CA LEU A 50 -6.45 10.34 -7.13
C LEU A 50 -6.83 10.10 -5.67
N ASN A 51 -7.84 9.28 -5.43
CA ASN A 51 -8.24 8.97 -4.07
C ASN A 51 -7.99 7.51 -3.74
N GLN A 52 -8.04 7.18 -2.46
CA GLN A 52 -7.84 5.81 -2.01
C GLN A 52 -8.91 4.89 -2.60
N ASP A 53 -10.06 5.48 -2.92
CA ASP A 53 -11.16 4.72 -3.50
C ASP A 53 -10.77 4.12 -4.84
N GLN A 54 -10.20 4.96 -5.69
CA GLN A 54 -9.79 4.55 -7.02
C GLN A 54 -8.38 3.94 -7.00
N VAL A 55 -7.62 4.26 -5.96
CA VAL A 55 -6.27 3.71 -5.86
C VAL A 55 -6.30 2.26 -5.39
N LYS A 56 -7.25 1.94 -4.51
CA LYS A 56 -7.29 0.62 -3.91
C LYS A 56 -7.79 -0.41 -4.92
N GLU A 57 -8.67 0.00 -5.83
CA GLU A 57 -9.21 -0.92 -6.82
C GLU A 57 -8.11 -1.46 -7.72
N LEU A 58 -7.15 -0.60 -8.02
CA LEU A 58 -5.97 -0.99 -8.78
C LEU A 58 -5.02 -1.80 -7.92
N LEU A 59 -4.80 -1.36 -6.70
CA LEU A 59 -3.80 -1.99 -5.82
C LEU A 59 -4.28 -3.35 -5.33
N GLN A 60 -5.59 -3.50 -5.14
CA GLN A 60 -6.16 -4.76 -4.68
C GLN A 60 -6.63 -5.59 -5.88
N SER A 61 -6.32 -5.12 -7.09
CA SER A 61 -6.75 -5.77 -8.32
C SER A 61 -6.15 -7.18 -8.42
N PHE A 62 -5.04 -7.39 -7.75
CA PHE A 62 -4.38 -8.69 -7.74
C PHE A 62 -4.70 -9.44 -6.46
N GLY A 63 -4.57 -8.75 -5.33
CA GLY A 63 -4.81 -9.35 -4.06
C GLY A 63 -5.39 -8.32 -3.12
N GLU A 64 -5.95 -8.76 -2.03
CA GLU A 64 -6.64 -7.88 -1.12
C GLU A 64 -5.64 -7.11 -0.26
N LEU A 65 -5.91 -5.83 -0.07
CA LEU A 65 -5.02 -4.93 0.65
C LEU A 65 -5.21 -5.06 2.15
N LYS A 66 -4.08 -5.07 2.85
CA LYS A 66 -4.06 -5.07 4.30
C LYS A 66 -4.15 -3.63 4.79
N GLY A 67 -3.61 -2.73 3.98
CA GLY A 67 -3.56 -1.33 4.34
C GLY A 67 -2.64 -0.58 3.40
N LEU A 68 -2.84 0.72 3.28
CA LEU A 68 -2.03 1.53 2.38
C LEU A 68 -2.02 2.98 2.82
N ASN A 69 -0.86 3.60 2.72
CA ASN A 69 -0.69 4.98 3.13
C ASN A 69 -0.52 5.91 1.93
N LEU A 70 -1.59 6.57 1.56
CA LEU A 70 -1.55 7.59 0.53
C LEU A 70 -1.09 8.91 1.13
N VAL A 71 0.18 9.23 0.94
CA VAL A 71 0.74 10.45 1.49
C VAL A 71 0.20 11.67 0.75
N MET A 72 -0.49 12.52 1.48
CA MET A 72 -1.05 13.74 0.92
C MET A 72 -0.32 14.95 1.47
N ASP A 73 -0.16 15.94 0.63
CA ASP A 73 0.48 17.18 1.02
C ASP A 73 -0.60 18.14 1.54
N THR A 74 -0.53 18.44 2.82
CA THR A 74 -1.55 19.22 3.50
C THR A 74 -1.76 20.59 2.86
N ASN A 75 -0.70 21.20 2.36
CA ASN A 75 -0.78 22.52 1.76
C ASN A 75 -1.65 22.49 0.52
N THR A 76 -1.43 21.49 -0.31
CA THR A 76 -2.15 21.35 -1.56
C THR A 76 -3.49 20.66 -1.36
N ASN A 77 -3.54 19.83 -0.32
CA ASN A 77 -4.66 18.93 -0.06
C ASN A 77 -4.75 17.91 -1.19
N LEU A 78 -3.59 17.55 -1.70
CA LEU A 78 -3.47 16.59 -2.80
C LEU A 78 -2.42 15.54 -2.46
N ASN A 79 -2.35 14.49 -3.24
CA ASN A 79 -1.41 13.40 -2.98
C ASN A 79 -0.07 13.67 -3.64
N LYS A 80 0.99 13.19 -2.99
CA LYS A 80 2.36 13.40 -3.47
C LYS A 80 2.59 12.65 -4.79
N GLY A 81 1.83 11.60 -5.02
CA GLY A 81 1.99 10.82 -6.23
C GLY A 81 2.67 9.49 -5.98
N PHE A 82 2.86 9.16 -4.71
CA PHE A 82 3.45 7.89 -4.34
C PHE A 82 2.81 7.40 -3.04
N ALA A 83 2.85 6.11 -2.81
CA ALA A 83 2.23 5.52 -1.64
C ALA A 83 2.89 4.19 -1.29
N PHE A 84 2.40 3.57 -0.23
CA PHE A 84 2.89 2.27 0.22
C PHE A 84 1.73 1.43 0.69
N PHE A 85 1.64 0.20 0.23
CA PHE A 85 0.57 -0.69 0.64
C PHE A 85 1.12 -2.01 1.14
N GLU A 86 0.41 -2.59 2.08
CA GLU A 86 0.74 -3.90 2.59
C GLU A 86 -0.30 -4.90 2.11
N TYR A 87 0.15 -6.04 1.60
CA TYR A 87 -0.77 -7.09 1.18
C TYR A 87 -1.13 -7.98 2.36
N CYS A 88 -2.40 -8.37 2.43
CA CYS A 88 -2.89 -9.16 3.55
C CYS A 88 -2.31 -10.56 3.53
N ASP A 89 -2.93 -11.45 2.75
CA ASP A 89 -2.45 -12.83 2.64
C ASP A 89 -2.60 -13.36 1.21
N PRO A 90 -2.14 -12.61 0.19
CA PRO A 90 -2.26 -13.01 -1.20
C PRO A 90 -0.99 -13.67 -1.74
N SER A 91 -1.15 -14.84 -2.33
CA SER A 91 -0.02 -15.53 -2.94
C SER A 91 0.39 -14.87 -4.25
N VAL A 92 -0.43 -13.91 -4.68
CA VAL A 92 -0.22 -13.18 -5.92
C VAL A 92 0.71 -11.99 -5.72
N THR A 93 1.09 -11.71 -4.47
CA THR A 93 1.95 -10.56 -4.14
C THR A 93 3.07 -10.32 -5.18
N ASP A 94 3.81 -11.38 -5.54
CA ASP A 94 4.88 -11.25 -6.53
C ASP A 94 4.31 -10.86 -7.89
N HIS A 95 3.23 -11.52 -8.29
CA HIS A 95 2.56 -11.25 -9.56
C HIS A 95 1.99 -9.83 -9.59
N ALA A 96 1.58 -9.34 -8.43
CA ALA A 96 1.05 -7.99 -8.31
C ALA A 96 2.11 -6.96 -8.63
N ILE A 97 3.27 -7.13 -8.02
CA ILE A 97 4.41 -6.25 -8.26
C ILE A 97 4.82 -6.27 -9.74
N ALA A 98 4.50 -7.37 -10.41
CA ALA A 98 4.81 -7.52 -11.82
C ALA A 98 3.74 -6.91 -12.70
N GLY A 99 2.49 -7.25 -12.43
CA GLY A 99 1.39 -6.78 -13.27
C GLY A 99 1.02 -5.33 -13.00
N LEU A 100 0.89 -4.98 -11.72
CA LEU A 100 0.49 -3.64 -11.34
C LEU A 100 1.63 -2.66 -11.50
N HIS A 101 2.81 -3.18 -11.85
CA HIS A 101 4.01 -2.36 -12.03
C HIS A 101 3.80 -1.26 -13.09
N GLY A 102 2.71 -1.39 -13.85
CA GLY A 102 2.36 -0.37 -14.80
C GLY A 102 0.90 -0.46 -15.21
N MET A 103 0.03 -0.69 -14.24
CA MET A 103 -1.38 -0.89 -14.52
C MET A 103 -2.24 0.22 -13.93
N LEU A 104 -2.58 1.18 -14.76
CA LEU A 104 -3.43 2.29 -14.34
C LEU A 104 -4.42 2.59 -15.46
N LEU A 105 -5.64 2.92 -15.09
CA LEU A 105 -6.69 3.18 -16.07
C LEU A 105 -6.38 4.45 -16.87
N GLY A 106 -6.58 4.36 -18.17
CA GLY A 106 -6.28 5.47 -19.04
C GLY A 106 -4.89 5.37 -19.65
N ASP A 107 -4.21 6.49 -19.77
CA ASP A 107 -2.89 6.49 -20.38
C ASP A 107 -1.81 6.55 -19.30
N ARG A 108 -2.24 6.61 -18.05
CA ARG A 108 -1.32 6.74 -16.93
C ARG A 108 -0.82 5.39 -16.47
N ARG A 109 0.19 5.40 -15.61
CA ARG A 109 0.72 4.18 -15.02
C ARG A 109 1.39 4.51 -13.69
N LEU A 110 1.57 3.49 -12.88
CA LEU A 110 2.20 3.65 -11.57
C LEU A 110 3.24 2.57 -11.37
N VAL A 111 4.32 2.91 -10.68
CA VAL A 111 5.39 1.96 -10.44
C VAL A 111 5.11 1.16 -9.17
N VAL A 112 5.48 -0.11 -9.20
CA VAL A 112 5.36 -0.95 -8.01
C VAL A 112 6.70 -1.57 -7.69
N GLN A 113 7.23 -1.26 -6.52
CA GLN A 113 8.56 -1.72 -6.14
C GLN A 113 8.56 -2.19 -4.69
N ARG A 114 9.24 -3.29 -4.43
CA ARG A 114 9.34 -3.83 -3.08
C ARG A 114 10.17 -2.92 -2.18
N SER A 115 9.63 -2.62 -1.02
CA SER A 115 10.34 -1.83 -0.01
C SER A 115 10.49 -2.66 1.26
N ILE A 116 10.64 -3.96 1.05
CA ILE A 116 10.77 -4.91 2.14
C ILE A 116 11.94 -4.59 3.04
N PRO A 117 11.67 -4.36 4.33
CA PRO A 117 12.73 -4.12 5.31
C PRO A 117 13.42 -5.40 5.74
N GLY A 118 14.02 -6.08 4.77
CA GLY A 118 14.71 -7.32 5.06
C GLY A 118 16.13 -7.27 4.54
N GLY A 119 17.08 -7.12 5.46
CA GLY A 119 18.47 -7.04 5.08
C GLY A 119 18.98 -8.32 4.44
N LYS A 120 18.86 -9.43 5.15
CA LYS A 120 19.37 -10.73 4.69
C LYS A 120 20.83 -10.61 4.30
N ASN A 121 21.67 -10.29 5.26
CA ASN A 121 23.09 -10.15 5.02
C ASN A 121 23.72 -11.50 4.73
N ALA A 122 23.13 -12.55 5.29
CA ALA A 122 23.63 -13.90 5.09
C ALA A 122 22.46 -14.85 4.82
N SER A 1 11.59 -14.11 -6.45
CA SER A 1 10.23 -13.93 -5.91
C SER A 1 10.26 -13.93 -4.38
N ILE A 2 9.51 -13.02 -3.77
CA ILE A 2 9.42 -12.96 -2.32
C ILE A 2 8.22 -13.76 -1.82
N SER A 3 7.42 -14.26 -2.75
CA SER A 3 6.23 -15.01 -2.42
C SER A 3 6.58 -16.44 -2.05
N VAL A 4 6.47 -16.76 -0.77
CA VAL A 4 6.75 -18.10 -0.28
C VAL A 4 5.66 -19.07 -0.71
N SER A 5 4.49 -18.53 -1.04
CA SER A 5 3.39 -19.34 -1.54
C SER A 5 3.53 -19.52 -3.05
N ALA A 6 3.23 -20.72 -3.52
CA ALA A 6 3.35 -21.03 -4.93
C ALA A 6 1.98 -21.13 -5.59
N MET A 7 1.14 -22.00 -5.06
CA MET A 7 -0.18 -22.24 -5.62
C MET A 7 -1.23 -22.36 -4.53
N GLU A 8 -2.31 -21.62 -4.66
CA GLU A 8 -3.40 -21.66 -3.69
C GLU A 8 -4.74 -21.38 -4.37
N SER A 9 -5.81 -21.50 -3.60
CA SER A 9 -7.15 -21.22 -4.07
C SER A 9 -7.90 -20.39 -3.04
N TYR A 10 -7.16 -19.69 -2.21
CA TYR A 10 -7.74 -18.86 -1.15
C TYR A 10 -7.88 -17.43 -1.64
N ARG A 11 -8.79 -17.22 -2.57
CA ARG A 11 -9.00 -15.90 -3.16
C ARG A 11 -10.48 -15.54 -3.13
N SER A 12 -11.30 -16.48 -2.69
CA SER A 12 -12.74 -16.29 -2.74
C SER A 12 -13.27 -15.65 -1.47
N PHE A 13 -12.45 -15.64 -0.44
CA PHE A 13 -12.85 -15.03 0.82
C PHE A 13 -12.26 -13.64 0.92
N ARG A 14 -13.01 -12.65 0.44
CA ARG A 14 -12.56 -11.27 0.50
C ARG A 14 -13.65 -10.39 1.10
N VAL A 15 -13.78 -10.49 2.40
CA VAL A 15 -14.81 -9.76 3.13
C VAL A 15 -14.19 -8.99 4.29
N PRO A 16 -14.41 -7.67 4.35
CA PRO A 16 -13.96 -6.85 5.46
C PRO A 16 -14.72 -7.20 6.75
N ALA A 17 -13.95 -7.47 7.80
CA ALA A 17 -14.48 -7.94 9.08
C ALA A 17 -14.96 -9.38 8.98
N ILE A 18 -14.92 -10.10 10.10
CA ILE A 18 -15.31 -11.51 10.13
C ILE A 18 -16.83 -11.64 10.21
N ASN A 19 -17.50 -10.51 10.07
CA ASN A 19 -18.94 -10.47 10.10
C ASN A 19 -19.48 -9.99 8.76
N VAL A 20 -20.29 -10.82 8.12
CA VAL A 20 -20.85 -10.47 6.82
C VAL A 20 -22.36 -10.33 6.91
N ALA A 21 -22.86 -10.40 8.14
CA ALA A 21 -24.27 -10.32 8.39
C ALA A 21 -24.61 -9.02 9.11
N GLN A 22 -25.42 -8.19 8.46
CA GLN A 22 -25.82 -6.89 9.00
C GLN A 22 -24.57 -6.04 9.27
N GLN A 23 -23.70 -6.00 8.28
CA GLN A 23 -22.45 -5.25 8.36
C GLN A 23 -22.25 -4.41 7.10
N PRO A 24 -21.71 -3.19 7.25
CA PRO A 24 -21.40 -2.32 6.12
C PRO A 24 -20.11 -2.75 5.43
N ALA A 25 -20.15 -3.91 4.78
CA ALA A 25 -18.99 -4.47 4.11
C ALA A 25 -18.72 -3.77 2.78
N VAL A 26 -18.40 -2.50 2.86
CA VAL A 26 -18.08 -1.71 1.68
C VAL A 26 -16.68 -2.05 1.17
N THR A 27 -16.62 -2.59 -0.05
CA THR A 27 -15.38 -3.03 -0.68
C THR A 27 -14.57 -3.95 0.23
N LEU A 28 -13.28 -4.00 0.02
CA LEU A 28 -12.39 -4.81 0.85
C LEU A 28 -11.90 -3.98 2.05
N PRO A 29 -11.41 -4.67 3.11
CA PRO A 29 -10.93 -4.02 4.34
C PRO A 29 -9.62 -3.26 4.15
N VAL A 30 -9.65 -2.25 3.29
CA VAL A 30 -8.48 -1.47 2.97
C VAL A 30 -8.39 -0.25 3.88
N THR A 31 -7.44 -0.27 4.80
CA THR A 31 -7.24 0.82 5.73
C THR A 31 -6.08 1.72 5.27
N THR A 32 -5.99 2.91 5.84
CA THR A 32 -4.92 3.82 5.49
C THR A 32 -3.73 3.67 6.42
N ILE A 33 -3.31 2.43 6.62
CA ILE A 33 -2.19 2.11 7.50
C ILE A 33 -1.29 1.09 6.84
N VAL A 34 -0.03 1.45 6.64
CA VAL A 34 0.93 0.51 6.06
C VAL A 34 2.08 0.25 7.04
N PRO A 35 1.99 -0.87 7.76
CA PRO A 35 3.04 -1.30 8.69
C PRO A 35 4.30 -1.69 7.95
N ASP A 36 5.38 -1.91 8.69
CA ASP A 36 6.65 -2.30 8.09
C ASP A 36 6.82 -3.80 8.13
N SER A 37 5.74 -4.49 7.78
CA SER A 37 5.74 -5.93 7.65
C SER A 37 6.39 -6.31 6.33
N PRO A 38 6.90 -7.54 6.19
CA PRO A 38 7.52 -8.02 4.95
C PRO A 38 6.52 -8.17 3.79
N ASN A 39 5.40 -7.46 3.88
CA ASN A 39 4.42 -7.42 2.80
C ASN A 39 4.29 -6.01 2.24
N LYS A 40 5.30 -5.17 2.52
CA LYS A 40 5.25 -3.77 2.12
C LYS A 40 5.73 -3.60 0.67
N ILE A 41 4.90 -2.94 -0.12
CA ILE A 41 5.22 -2.66 -1.50
C ILE A 41 5.01 -1.17 -1.79
N TYR A 42 5.86 -0.63 -2.63
CA TYR A 42 5.83 0.79 -2.95
C TYR A 42 5.06 1.05 -4.24
N VAL A 43 4.27 2.11 -4.25
CA VAL A 43 3.62 2.57 -5.45
C VAL A 43 3.97 4.02 -5.70
N GLY A 44 4.51 4.30 -6.87
CA GLY A 44 4.92 5.65 -7.16
C GLY A 44 4.53 6.12 -8.54
N GLY A 45 3.25 6.30 -8.74
CA GLY A 45 2.75 6.84 -9.99
C GLY A 45 1.28 7.15 -9.89
N LEU A 46 0.93 7.93 -8.89
CA LEU A 46 -0.46 8.22 -8.61
C LEU A 46 -0.78 9.68 -8.88
N PRO A 47 -1.89 9.93 -9.58
CA PRO A 47 -2.41 11.29 -9.76
C PRO A 47 -2.67 11.97 -8.42
N THR A 48 -2.45 13.28 -8.40
CA THR A 48 -2.61 14.07 -7.18
C THR A 48 -4.06 14.07 -6.68
N CYS A 49 -5.01 13.92 -7.59
CA CYS A 49 -6.42 13.90 -7.22
C CYS A 49 -6.93 12.47 -7.10
N LEU A 50 -6.02 11.51 -7.18
CA LEU A 50 -6.38 10.10 -7.07
C LEU A 50 -6.70 9.78 -5.61
N ASN A 51 -7.85 9.16 -5.37
CA ASN A 51 -8.29 8.86 -4.02
C ASN A 51 -7.96 7.43 -3.66
N GLN A 52 -7.84 7.17 -2.37
CA GLN A 52 -7.61 5.82 -1.87
C GLN A 52 -8.72 4.89 -2.35
N ASP A 53 -9.89 5.49 -2.56
CA ASP A 53 -11.07 4.78 -3.04
C ASP A 53 -10.79 4.15 -4.39
N GLN A 54 -10.16 4.92 -5.28
CA GLN A 54 -9.85 4.44 -6.61
C GLN A 54 -8.52 3.68 -6.62
N VAL A 55 -7.58 4.14 -5.80
CA VAL A 55 -6.24 3.57 -5.76
C VAL A 55 -6.27 2.08 -5.39
N LYS A 56 -7.18 1.72 -4.49
CA LYS A 56 -7.26 0.33 -4.04
C LYS A 56 -7.79 -0.55 -5.14
N GLU A 57 -8.61 0.00 -6.02
CA GLU A 57 -9.20 -0.76 -7.11
C GLU A 57 -8.13 -1.25 -8.07
N LEU A 58 -7.08 -0.44 -8.23
CA LEU A 58 -5.96 -0.81 -9.07
C LEU A 58 -5.01 -1.72 -8.32
N LEU A 59 -4.77 -1.42 -7.04
CA LEU A 59 -3.75 -2.13 -6.28
C LEU A 59 -4.26 -3.47 -5.75
N GLN A 60 -5.54 -3.54 -5.41
CA GLN A 60 -6.12 -4.77 -4.90
C GLN A 60 -6.68 -5.60 -6.06
N SER A 61 -6.48 -5.10 -7.28
CA SER A 61 -6.96 -5.77 -8.49
C SER A 61 -6.34 -7.16 -8.63
N PHE A 62 -5.15 -7.32 -8.04
CA PHE A 62 -4.46 -8.60 -8.09
C PHE A 62 -4.65 -9.37 -6.78
N GLY A 63 -4.67 -8.65 -5.67
CA GLY A 63 -4.81 -9.26 -4.39
C GLY A 63 -5.38 -8.30 -3.38
N GLU A 64 -6.03 -8.84 -2.38
CA GLU A 64 -6.68 -8.04 -1.35
C GLU A 64 -5.65 -7.26 -0.54
N LEU A 65 -5.91 -5.97 -0.35
CA LEU A 65 -5.01 -5.11 0.40
C LEU A 65 -5.35 -5.14 1.87
N LYS A 66 -4.33 -5.02 2.71
CA LYS A 66 -4.51 -4.96 4.14
C LYS A 66 -4.48 -3.51 4.60
N GLY A 67 -3.90 -2.66 3.78
CA GLY A 67 -3.82 -1.25 4.11
C GLY A 67 -2.72 -0.54 3.35
N LEU A 68 -2.88 0.77 3.18
CA LEU A 68 -1.87 1.58 2.53
C LEU A 68 -2.03 3.03 2.97
N ASN A 69 -0.92 3.71 3.21
CA ASN A 69 -0.98 5.08 3.66
C ASN A 69 -0.56 6.03 2.55
N LEU A 70 -1.56 6.69 1.97
CA LEU A 70 -1.33 7.71 0.96
C LEU A 70 -0.79 8.97 1.62
N VAL A 71 0.41 9.36 1.25
CA VAL A 71 1.00 10.58 1.79
C VAL A 71 0.35 11.80 1.16
N MET A 72 -0.32 12.57 1.99
CA MET A 72 -1.04 13.74 1.56
C MET A 72 -0.15 14.98 1.64
N ASP A 73 -0.27 15.83 0.64
CA ASP A 73 0.42 17.09 0.61
C ASP A 73 -0.48 18.16 1.20
N THR A 74 -0.08 18.71 2.35
CA THR A 74 -0.93 19.66 3.06
C THR A 74 -0.89 21.04 2.40
N ASN A 75 0.01 21.21 1.43
CA ASN A 75 0.14 22.47 0.71
C ASN A 75 -1.02 22.67 -0.24
N THR A 76 -1.27 21.68 -1.08
CA THR A 76 -2.37 21.75 -2.04
C THR A 76 -3.50 20.79 -1.68
N ASN A 77 -3.33 20.10 -0.55
CA ASN A 77 -4.31 19.13 -0.05
C ASN A 77 -4.58 18.03 -1.05
N LEU A 78 -3.53 17.50 -1.65
CA LEU A 78 -3.64 16.44 -2.63
C LEU A 78 -2.61 15.34 -2.35
N ASN A 79 -2.70 14.25 -3.08
CA ASN A 79 -1.78 13.13 -2.92
C ASN A 79 -0.42 13.46 -3.54
N LYS A 80 0.66 13.08 -2.86
CA LYS A 80 2.01 13.33 -3.37
C LYS A 80 2.27 12.55 -4.65
N GLY A 81 1.52 11.47 -4.83
CA GLY A 81 1.65 10.68 -6.04
C GLY A 81 2.37 9.38 -5.79
N PHE A 82 2.59 9.05 -4.53
CA PHE A 82 3.24 7.80 -4.17
C PHE A 82 2.78 7.37 -2.78
N ALA A 83 2.96 6.10 -2.48
CA ALA A 83 2.57 5.54 -1.19
C ALA A 83 3.12 4.13 -1.03
N PHE A 84 2.77 3.49 0.07
CA PHE A 84 3.18 2.12 0.34
C PHE A 84 1.96 1.31 0.75
N PHE A 85 1.81 0.12 0.19
CA PHE A 85 0.69 -0.73 0.53
C PHE A 85 1.14 -2.09 1.02
N GLU A 86 0.31 -2.70 1.84
CA GLU A 86 0.57 -4.01 2.39
C GLU A 86 -0.52 -4.97 1.92
N TYR A 87 -0.10 -6.08 1.31
CA TYR A 87 -1.04 -7.09 0.87
C TYR A 87 -1.50 -7.95 2.05
N CYS A 88 -2.79 -8.28 2.07
CA CYS A 88 -3.36 -9.04 3.18
C CYS A 88 -2.71 -10.41 3.31
N ASP A 89 -3.12 -11.34 2.46
CA ASP A 89 -2.47 -12.65 2.41
C ASP A 89 -2.66 -13.30 1.03
N PRO A 90 -2.30 -12.59 -0.05
CA PRO A 90 -2.40 -13.10 -1.41
C PRO A 90 -1.07 -13.66 -1.91
N SER A 91 -1.11 -14.80 -2.56
CA SER A 91 0.08 -15.43 -3.11
C SER A 91 0.59 -14.60 -4.30
N VAL A 92 -0.32 -13.84 -4.89
CA VAL A 92 -0.03 -13.02 -6.05
C VAL A 92 0.85 -11.81 -5.70
N THR A 93 1.07 -11.57 -4.40
CA THR A 93 1.85 -10.43 -3.92
C THR A 93 3.07 -10.12 -4.81
N ASP A 94 3.92 -11.12 -5.05
CA ASP A 94 5.14 -10.91 -5.83
C ASP A 94 4.81 -10.69 -7.31
N HIS A 95 3.77 -11.38 -7.77
CA HIS A 95 3.37 -11.31 -9.17
C HIS A 95 2.70 -9.97 -9.46
N ALA A 96 2.03 -9.43 -8.47
CA ALA A 96 1.33 -8.15 -8.59
C ALA A 96 2.32 -7.02 -8.82
N ILE A 97 3.45 -7.10 -8.15
CA ILE A 97 4.52 -6.13 -8.31
C ILE A 97 5.02 -6.11 -9.76
N ALA A 98 4.85 -7.23 -10.44
CA ALA A 98 5.23 -7.34 -11.84
C ALA A 98 4.10 -6.88 -12.76
N GLY A 99 2.90 -7.38 -12.49
CA GLY A 99 1.75 -7.08 -13.34
C GLY A 99 1.26 -5.66 -13.18
N LEU A 100 1.10 -5.21 -11.95
CA LEU A 100 0.58 -3.88 -11.66
C LEU A 100 1.68 -2.83 -11.79
N HIS A 101 2.91 -3.28 -12.06
CA HIS A 101 4.09 -2.41 -12.12
C HIS A 101 3.90 -1.21 -13.07
N GLY A 102 2.91 -1.29 -13.95
CA GLY A 102 2.58 -0.18 -14.81
C GLY A 102 1.13 -0.17 -15.20
N MET A 103 0.25 -0.47 -14.25
CA MET A 103 -1.17 -0.57 -14.53
C MET A 103 -1.98 0.50 -13.79
N LEU A 104 -2.48 1.46 -14.55
CA LEU A 104 -3.42 2.45 -14.04
C LEU A 104 -4.43 2.74 -15.13
N LEU A 105 -5.68 2.97 -14.75
CA LEU A 105 -6.74 3.21 -15.71
C LEU A 105 -6.54 4.54 -16.43
N GLY A 106 -6.70 4.54 -17.74
CA GLY A 106 -6.60 5.76 -18.51
C GLY A 106 -5.23 5.98 -19.09
N ASP A 107 -4.79 7.23 -19.11
CA ASP A 107 -3.51 7.59 -19.72
C ASP A 107 -2.41 7.67 -18.68
N ARG A 108 -2.64 7.08 -17.52
CA ARG A 108 -1.67 7.10 -16.45
C ARG A 108 -1.19 5.69 -16.12
N ARG A 109 -0.06 5.61 -15.46
CA ARG A 109 0.50 4.35 -14.99
C ARG A 109 1.12 4.55 -13.62
N LEU A 110 1.09 3.52 -12.79
CA LEU A 110 1.67 3.59 -11.47
C LEU A 110 2.81 2.60 -11.33
N VAL A 111 3.91 3.03 -10.72
CA VAL A 111 5.04 2.14 -10.53
C VAL A 111 4.83 1.32 -9.26
N VAL A 112 5.12 0.03 -9.34
CA VAL A 112 5.04 -0.82 -8.17
C VAL A 112 6.41 -1.40 -7.88
N GLN A 113 6.95 -1.09 -6.72
CA GLN A 113 8.29 -1.52 -6.36
C GLN A 113 8.28 -2.35 -5.09
N ARG A 114 8.86 -3.53 -5.21
CA ARG A 114 8.98 -4.46 -4.13
C ARG A 114 9.88 -3.92 -3.04
N SER A 115 9.43 -3.99 -1.81
CA SER A 115 10.21 -3.55 -0.67
C SER A 115 10.27 -4.69 0.35
N ILE A 116 10.16 -5.89 -0.18
CA ILE A 116 10.06 -7.09 0.64
C ILE A 116 11.38 -7.86 0.65
N PRO A 117 11.91 -8.11 1.85
CA PRO A 117 13.12 -8.92 2.02
C PRO A 117 12.80 -10.41 2.09
N GLY A 118 13.83 -11.24 2.07
CA GLY A 118 13.63 -12.67 2.12
C GLY A 118 14.37 -13.39 1.02
N GLY A 119 13.62 -14.03 0.13
CA GLY A 119 14.23 -14.76 -0.96
C GLY A 119 14.66 -13.86 -2.10
N LYS A 120 15.65 -13.04 -1.83
CA LYS A 120 16.19 -12.13 -2.84
C LYS A 120 17.09 -12.86 -3.81
N ASN A 121 17.87 -13.80 -3.27
CA ASN A 121 18.75 -14.69 -4.05
C ASN A 121 20.01 -13.95 -4.49
N ALA A 122 19.83 -12.88 -5.24
CA ALA A 122 20.96 -12.09 -5.72
C ALA A 122 20.53 -10.65 -5.93
N SER A 1 12.59 -10.41 6.51
CA SER A 1 13.18 -10.98 5.30
C SER A 1 12.27 -10.73 4.09
N ILE A 2 12.86 -10.28 2.99
CA ILE A 2 12.08 -10.01 1.78
C ILE A 2 12.10 -11.22 0.84
N SER A 3 13.02 -12.13 1.08
CA SER A 3 13.08 -13.36 0.30
C SER A 3 11.93 -14.28 0.69
N VAL A 4 11.78 -14.50 1.98
CA VAL A 4 10.71 -15.32 2.49
C VAL A 4 9.45 -14.47 2.64
N SER A 5 8.81 -14.19 1.52
CA SER A 5 7.61 -13.40 1.50
C SER A 5 6.60 -13.98 0.52
N ALA A 6 5.32 -13.66 0.73
CA ALA A 6 4.23 -14.10 -0.13
C ALA A 6 4.10 -15.62 -0.12
N MET A 7 4.47 -16.22 1.00
CA MET A 7 4.37 -17.67 1.15
C MET A 7 3.02 -18.05 1.73
N GLU A 8 2.39 -19.06 1.16
CA GLU A 8 1.05 -19.46 1.56
C GLU A 8 1.09 -20.39 2.77
N SER A 9 1.87 -20.02 3.77
CA SER A 9 1.93 -20.75 5.01
C SER A 9 1.05 -20.08 6.06
N TYR A 10 0.71 -18.83 5.79
CA TYR A 10 -0.15 -18.06 6.67
C TYR A 10 -1.59 -18.50 6.53
N ARG A 11 -2.32 -18.55 7.63
CA ARG A 11 -3.74 -18.85 7.58
C ARG A 11 -4.53 -17.55 7.68
N SER A 12 -5.84 -17.67 7.79
CA SER A 12 -6.71 -16.50 7.82
C SER A 12 -6.73 -15.87 9.22
N PHE A 13 -5.56 -15.57 9.75
CA PHE A 13 -5.46 -14.93 11.06
C PHE A 13 -5.38 -13.42 10.90
N ARG A 14 -5.31 -12.98 9.65
CA ARG A 14 -5.28 -11.55 9.34
C ARG A 14 -6.69 -10.98 9.31
N VAL A 15 -7.43 -11.31 10.34
CA VAL A 15 -8.78 -10.81 10.55
C VAL A 15 -8.80 -10.15 11.94
N PRO A 16 -9.43 -8.98 12.08
CA PRO A 16 -9.36 -8.22 13.32
C PRO A 16 -10.09 -8.91 14.47
N ALA A 17 -9.41 -8.98 15.62
CA ALA A 17 -9.94 -9.61 16.82
C ALA A 17 -10.13 -11.11 16.62
N ILE A 18 -9.13 -11.89 17.03
CA ILE A 18 -9.19 -13.33 16.91
C ILE A 18 -9.96 -13.92 18.08
N ASN A 19 -11.28 -13.88 17.98
CA ASN A 19 -12.18 -14.45 18.98
C ASN A 19 -11.97 -13.79 20.34
N VAL A 20 -11.95 -12.47 20.35
CA VAL A 20 -11.77 -11.71 21.57
C VAL A 20 -12.80 -10.58 21.63
N ALA A 21 -13.74 -10.62 20.70
CA ALA A 21 -14.77 -9.60 20.59
C ALA A 21 -15.94 -10.10 19.77
N GLN A 22 -17.12 -10.13 20.37
CA GLN A 22 -18.32 -10.52 19.68
C GLN A 22 -18.89 -9.31 18.92
N GLN A 23 -18.15 -8.90 17.91
CA GLN A 23 -18.53 -7.76 17.09
C GLN A 23 -18.47 -8.14 15.62
N PRO A 24 -19.63 -8.22 14.95
CA PRO A 24 -19.70 -8.59 13.53
C PRO A 24 -19.24 -7.46 12.61
N ALA A 25 -18.01 -7.05 12.78
CA ALA A 25 -17.44 -5.99 11.95
C ALA A 25 -16.76 -6.59 10.73
N VAL A 26 -17.39 -6.46 9.58
CA VAL A 26 -16.86 -6.99 8.33
C VAL A 26 -15.81 -6.03 7.75
N THR A 27 -14.76 -5.81 8.50
CA THR A 27 -13.66 -4.96 8.09
C THR A 27 -12.34 -5.60 8.50
N LEU A 28 -11.25 -5.15 7.91
CA LEU A 28 -9.92 -5.62 8.26
C LEU A 28 -9.17 -4.53 9.02
N PRO A 29 -8.12 -4.90 9.77
CA PRO A 29 -7.28 -3.93 10.51
C PRO A 29 -6.46 -3.04 9.57
N VAL A 30 -7.14 -2.27 8.75
CA VAL A 30 -6.50 -1.38 7.80
C VAL A 30 -5.89 -0.18 8.52
N THR A 31 -4.69 0.19 8.11
CA THR A 31 -4.00 1.32 8.69
C THR A 31 -3.41 2.19 7.59
N THR A 32 -3.23 3.47 7.88
CA THR A 32 -2.65 4.40 6.93
C THR A 32 -1.18 4.66 7.27
N ILE A 33 -0.66 3.85 8.19
CA ILE A 33 0.76 3.86 8.51
C ILE A 33 1.30 2.45 8.39
N VAL A 34 1.89 2.15 7.25
CA VAL A 34 2.36 0.79 6.97
C VAL A 34 3.81 0.62 7.38
N PRO A 35 4.07 -0.29 8.35
CA PRO A 35 5.42 -0.61 8.78
C PRO A 35 6.17 -1.39 7.71
N ASP A 36 7.48 -1.52 7.86
CA ASP A 36 8.30 -2.18 6.87
C ASP A 36 8.15 -3.70 6.95
N SER A 37 6.98 -4.17 6.55
CA SER A 37 6.69 -5.59 6.49
C SER A 37 7.19 -6.16 5.17
N PRO A 38 7.44 -7.48 5.11
CA PRO A 38 7.85 -8.15 3.87
C PRO A 38 6.80 -8.00 2.76
N ASN A 39 5.58 -7.68 3.15
CA ASN A 39 4.47 -7.51 2.21
C ASN A 39 4.29 -6.04 1.85
N LYS A 40 5.21 -5.20 2.30
CA LYS A 40 5.13 -3.76 2.05
C LYS A 40 5.64 -3.44 0.66
N ILE A 41 4.81 -2.80 -0.12
CA ILE A 41 5.14 -2.49 -1.50
C ILE A 41 4.97 -1.00 -1.78
N TYR A 42 5.89 -0.47 -2.57
CA TYR A 42 5.93 0.95 -2.90
C TYR A 42 5.22 1.21 -4.23
N VAL A 43 4.47 2.31 -4.27
CA VAL A 43 3.75 2.71 -5.46
C VAL A 43 4.21 4.11 -5.89
N GLY A 44 4.77 4.23 -7.07
CA GLY A 44 5.28 5.52 -7.52
C GLY A 44 4.73 5.95 -8.87
N GLY A 45 3.77 6.85 -8.85
CA GLY A 45 3.15 7.33 -10.07
C GLY A 45 1.66 7.50 -9.92
N LEU A 46 1.25 8.17 -8.85
CA LEU A 46 -0.16 8.33 -8.53
C LEU A 46 -0.62 9.75 -8.81
N PRO A 47 -1.91 9.92 -9.17
CA PRO A 47 -2.52 11.24 -9.32
C PRO A 47 -2.70 11.93 -7.98
N THR A 48 -2.52 13.24 -7.98
CA THR A 48 -2.57 14.04 -6.76
C THR A 48 -3.97 14.09 -6.15
N CYS A 49 -5.00 14.02 -6.99
CA CYS A 49 -6.37 14.06 -6.51
C CYS A 49 -6.95 12.66 -6.36
N LEU A 50 -6.08 11.66 -6.46
CA LEU A 50 -6.51 10.28 -6.35
C LEU A 50 -6.68 9.90 -4.89
N ASN A 51 -7.76 9.19 -4.56
CA ASN A 51 -8.00 8.82 -3.17
C ASN A 51 -7.99 7.31 -3.00
N GLN A 52 -7.94 6.85 -1.76
CA GLN A 52 -7.78 5.42 -1.46
C GLN A 52 -8.80 4.56 -2.19
N ASP A 53 -10.03 5.05 -2.28
CA ASP A 53 -11.12 4.27 -2.84
C ASP A 53 -10.89 3.94 -4.31
N GLN A 54 -10.28 4.88 -5.03
CA GLN A 54 -9.96 4.67 -6.43
C GLN A 54 -8.61 3.95 -6.55
N VAL A 55 -7.70 4.29 -5.64
CA VAL A 55 -6.35 3.74 -5.69
C VAL A 55 -6.36 2.23 -5.41
N LYS A 56 -7.27 1.80 -4.55
CA LYS A 56 -7.33 0.41 -4.15
C LYS A 56 -7.72 -0.48 -5.32
N GLU A 57 -8.59 0.03 -6.19
CA GLU A 57 -9.12 -0.76 -7.29
C GLU A 57 -8.00 -1.14 -8.26
N LEU A 58 -6.97 -0.32 -8.30
CA LEU A 58 -5.80 -0.60 -9.11
C LEU A 58 -4.81 -1.45 -8.31
N LEU A 59 -4.59 -1.09 -7.06
CA LEU A 59 -3.58 -1.74 -6.23
C LEU A 59 -4.01 -3.14 -5.77
N GLN A 60 -5.30 -3.33 -5.57
CA GLN A 60 -5.83 -4.62 -5.11
C GLN A 60 -6.32 -5.43 -6.31
N SER A 61 -6.00 -4.96 -7.51
CA SER A 61 -6.43 -5.61 -8.76
C SER A 61 -6.03 -7.09 -8.77
N PHE A 62 -4.96 -7.42 -8.07
CA PHE A 62 -4.51 -8.80 -7.97
C PHE A 62 -4.93 -9.43 -6.65
N GLY A 63 -4.63 -8.75 -5.55
CA GLY A 63 -4.91 -9.31 -4.23
C GLY A 63 -5.81 -8.42 -3.41
N GLU A 64 -5.50 -8.28 -2.13
CA GLU A 64 -6.28 -7.43 -1.25
C GLU A 64 -5.37 -6.54 -0.42
N LEU A 65 -5.78 -5.29 -0.23
CA LEU A 65 -4.97 -4.34 0.53
C LEU A 65 -5.29 -4.41 2.01
N LYS A 66 -4.26 -4.67 2.79
CA LYS A 66 -4.39 -4.74 4.25
C LYS A 66 -4.19 -3.36 4.85
N GLY A 67 -3.55 -2.48 4.08
CA GLY A 67 -3.30 -1.14 4.53
C GLY A 67 -2.40 -0.41 3.57
N LEU A 68 -2.54 0.89 3.48
CA LEU A 68 -1.74 1.69 2.57
C LEU A 68 -1.68 3.13 3.05
N ASN A 69 -0.57 3.78 2.77
CA ASN A 69 -0.38 5.16 3.19
C ASN A 69 -0.24 6.10 1.99
N LEU A 70 -1.34 6.70 1.58
CA LEU A 70 -1.31 7.75 0.58
C LEU A 70 -0.86 9.05 1.24
N VAL A 71 0.42 9.35 1.13
CA VAL A 71 0.97 10.55 1.74
C VAL A 71 0.39 11.80 1.07
N MET A 72 -0.37 12.55 1.84
CA MET A 72 -1.05 13.72 1.31
C MET A 72 -0.38 15.00 1.79
N ASP A 73 0.02 15.82 0.83
CA ASP A 73 0.63 17.10 1.09
C ASP A 73 -0.32 18.00 1.87
N THR A 74 0.16 18.58 2.94
CA THR A 74 -0.69 19.35 3.84
C THR A 74 -0.91 20.78 3.33
N ASN A 75 -0.20 21.15 2.28
CA ASN A 75 -0.34 22.50 1.73
C ASN A 75 -1.55 22.56 0.81
N THR A 76 -1.56 21.71 -0.20
CA THR A 76 -2.62 21.70 -1.18
C THR A 76 -3.66 20.63 -0.85
N ASN A 77 -3.36 19.81 0.16
CA ASN A 77 -4.23 18.73 0.63
C ASN A 77 -4.43 17.71 -0.48
N LEU A 78 -3.34 17.31 -1.11
CA LEU A 78 -3.39 16.36 -2.21
C LEU A 78 -2.32 15.29 -2.06
N ASN A 79 -2.52 14.16 -2.71
CA ASN A 79 -1.58 13.05 -2.65
C ASN A 79 -0.29 13.41 -3.38
N LYS A 80 0.83 13.08 -2.76
CA LYS A 80 2.15 13.41 -3.30
C LYS A 80 2.40 12.71 -4.63
N GLY A 81 1.69 11.63 -4.88
CA GLY A 81 1.84 10.90 -6.13
C GLY A 81 2.59 9.60 -5.95
N PHE A 82 2.79 9.21 -4.70
CA PHE A 82 3.43 7.95 -4.39
C PHE A 82 2.95 7.46 -3.03
N ALA A 83 3.00 6.16 -2.82
CA ALA A 83 2.50 5.58 -1.59
C ALA A 83 3.13 4.21 -1.32
N PHE A 84 2.67 3.58 -0.26
CA PHE A 84 3.12 2.25 0.14
C PHE A 84 1.93 1.46 0.64
N PHE A 85 1.78 0.23 0.18
CA PHE A 85 0.70 -0.62 0.67
C PHE A 85 1.25 -1.96 1.13
N GLU A 86 0.49 -2.62 1.99
CA GLU A 86 0.84 -3.96 2.43
C GLU A 86 -0.26 -4.93 1.98
N TYR A 87 0.13 -5.97 1.26
CA TYR A 87 -0.83 -6.97 0.81
C TYR A 87 -1.29 -7.85 1.96
N CYS A 88 -2.58 -8.15 1.99
CA CYS A 88 -3.19 -8.90 3.07
C CYS A 88 -2.75 -10.37 3.07
N ASP A 89 -3.30 -11.15 2.15
CA ASP A 89 -3.03 -12.59 2.13
C ASP A 89 -3.09 -13.15 0.70
N PRO A 90 -2.40 -12.51 -0.27
CA PRO A 90 -2.40 -12.94 -1.66
C PRO A 90 -1.12 -13.64 -2.08
N SER A 91 -1.26 -14.78 -2.74
CA SER A 91 -0.12 -15.48 -3.31
C SER A 91 0.36 -14.75 -4.56
N VAL A 92 -0.53 -13.92 -5.11
CA VAL A 92 -0.25 -13.15 -6.32
C VAL A 92 0.70 -11.98 -6.09
N THR A 93 1.03 -11.71 -4.82
CA THR A 93 1.88 -10.58 -4.42
C THR A 93 3.05 -10.34 -5.38
N ASP A 94 3.83 -11.37 -5.69
CA ASP A 94 4.99 -11.21 -6.56
C ASP A 94 4.57 -10.91 -7.99
N HIS A 95 3.47 -11.51 -8.42
CA HIS A 95 2.92 -11.28 -9.76
C HIS A 95 2.37 -9.87 -9.88
N ALA A 96 1.84 -9.36 -8.78
CA ALA A 96 1.27 -8.02 -8.75
C ALA A 96 2.33 -6.98 -9.06
N ILE A 97 3.50 -7.16 -8.48
CA ILE A 97 4.62 -6.26 -8.69
C ILE A 97 5.08 -6.30 -10.15
N ALA A 98 4.82 -7.40 -10.82
CA ALA A 98 5.21 -7.57 -12.21
C ALA A 98 4.13 -7.02 -13.15
N GLY A 99 2.87 -7.17 -12.77
CA GLY A 99 1.78 -6.77 -13.63
C GLY A 99 1.32 -5.34 -13.38
N LEU A 100 1.23 -4.96 -12.12
CA LEU A 100 0.77 -3.63 -11.75
C LEU A 100 1.93 -2.64 -11.79
N HIS A 101 3.13 -3.14 -12.08
CA HIS A 101 4.36 -2.33 -12.09
C HIS A 101 4.21 -1.05 -12.91
N GLY A 102 3.24 -1.01 -13.81
CA GLY A 102 2.96 0.20 -14.56
C GLY A 102 1.50 0.29 -14.95
N MET A 103 0.62 -0.18 -14.08
CA MET A 103 -0.79 -0.30 -14.41
C MET A 103 -1.62 0.80 -13.78
N LEU A 104 -2.04 1.74 -14.62
CA LEU A 104 -2.96 2.79 -14.22
C LEU A 104 -3.92 3.04 -15.38
N LEU A 105 -5.16 3.40 -15.06
CA LEU A 105 -6.18 3.58 -16.06
C LEU A 105 -5.85 4.78 -16.95
N GLY A 106 -6.03 4.61 -18.26
CA GLY A 106 -5.70 5.65 -19.20
C GLY A 106 -4.29 5.49 -19.74
N ASP A 107 -3.59 6.60 -19.94
CA ASP A 107 -2.21 6.55 -20.41
C ASP A 107 -1.25 6.74 -19.26
N ARG A 108 -1.82 6.87 -18.07
CA ARG A 108 -1.04 7.06 -16.87
C ARG A 108 -0.52 5.72 -16.37
N ARG A 109 0.44 5.77 -15.46
CA ARG A 109 1.05 4.56 -14.97
C ARG A 109 1.66 4.78 -13.60
N LEU A 110 1.63 3.75 -12.79
CA LEU A 110 2.19 3.79 -11.45
C LEU A 110 3.22 2.69 -11.28
N VAL A 111 4.33 3.00 -10.63
CA VAL A 111 5.39 2.03 -10.46
C VAL A 111 5.13 1.20 -9.21
N VAL A 112 5.54 -0.06 -9.25
CA VAL A 112 5.41 -0.95 -8.11
C VAL A 112 6.75 -1.58 -7.76
N GLN A 113 7.23 -1.30 -6.56
CA GLN A 113 8.53 -1.82 -6.11
C GLN A 113 8.42 -2.32 -4.68
N ARG A 114 9.21 -3.33 -4.33
CA ARG A 114 9.20 -3.84 -2.97
C ARG A 114 10.06 -2.99 -2.05
N SER A 115 9.51 -2.62 -0.91
CA SER A 115 10.24 -1.82 0.08
C SER A 115 11.10 -2.72 0.95
N ILE A 116 12.24 -3.10 0.40
CA ILE A 116 13.20 -3.95 1.06
C ILE A 116 13.85 -3.25 2.25
N PRO A 117 14.53 -4.01 3.12
CA PRO A 117 14.99 -3.50 4.40
C PRO A 117 16.32 -2.78 4.30
N GLY A 118 16.36 -1.75 3.48
CA GLY A 118 17.56 -0.95 3.32
C GLY A 118 17.31 0.51 3.60
N GLY A 119 16.30 0.79 4.40
CA GLY A 119 15.95 2.15 4.73
C GLY A 119 16.66 2.65 5.97
N LYS A 120 17.29 3.81 5.86
CA LYS A 120 17.98 4.41 6.98
C LYS A 120 17.05 5.36 7.72
N ASN A 121 17.56 6.07 8.72
CA ASN A 121 16.75 7.04 9.44
C ASN A 121 16.66 8.34 8.64
N ALA A 122 17.80 8.85 8.23
CA ALA A 122 17.86 10.05 7.42
C ALA A 122 18.08 9.67 5.96
N SER A 1 11.04 7.52 -1.90
CA SER A 1 10.35 7.60 -3.20
C SER A 1 11.35 7.50 -4.33
N ILE A 2 11.19 6.51 -5.19
CA ILE A 2 12.04 6.37 -6.37
C ILE A 2 11.30 6.85 -7.61
N SER A 3 10.11 7.38 -7.39
CA SER A 3 9.30 7.98 -8.43
C SER A 3 8.33 8.97 -7.80
N VAL A 4 7.55 9.68 -8.62
CA VAL A 4 6.68 10.72 -8.11
C VAL A 4 5.38 10.77 -8.94
N SER A 5 4.52 11.75 -8.68
CA SER A 5 3.26 11.94 -9.40
C SER A 5 3.45 11.81 -10.92
N ALA A 6 2.50 11.14 -11.56
CA ALA A 6 2.52 10.98 -13.00
C ALA A 6 1.63 12.02 -13.67
N MET A 7 0.35 11.73 -13.79
CA MET A 7 -0.60 12.66 -14.39
C MET A 7 -1.96 12.57 -13.71
N GLU A 8 -2.58 13.72 -13.50
CA GLU A 8 -3.88 13.78 -12.87
C GLU A 8 -4.94 14.27 -13.84
N SER A 9 -5.17 13.47 -14.87
CA SER A 9 -6.17 13.77 -15.87
C SER A 9 -7.55 13.39 -15.33
N TYR A 10 -7.55 12.74 -14.17
CA TYR A 10 -8.78 12.33 -13.52
C TYR A 10 -9.09 13.25 -12.36
N ARG A 11 -10.36 13.62 -12.23
CA ARG A 11 -10.79 14.49 -11.15
C ARG A 11 -11.74 13.73 -10.23
N SER A 12 -11.20 13.20 -9.16
CA SER A 12 -12.00 12.36 -8.28
C SER A 12 -11.60 12.58 -6.82
N PHE A 13 -12.53 13.09 -6.04
CA PHE A 13 -12.30 13.39 -4.64
C PHE A 13 -13.44 12.84 -3.80
N ARG A 14 -13.70 11.55 -3.95
CA ARG A 14 -14.82 10.90 -3.28
C ARG A 14 -14.53 10.75 -1.78
N VAL A 15 -14.90 11.76 -1.01
CA VAL A 15 -14.76 11.71 0.43
C VAL A 15 -15.89 10.89 1.04
N PRO A 16 -15.65 10.26 2.19
CA PRO A 16 -16.65 9.44 2.87
C PRO A 16 -17.75 10.30 3.48
N ALA A 17 -18.99 9.91 3.26
CA ALA A 17 -20.16 10.67 3.71
C ALA A 17 -20.20 12.04 3.05
N ILE A 18 -21.17 12.85 3.44
CA ILE A 18 -21.29 14.20 2.90
C ILE A 18 -21.19 15.20 4.06
N ASN A 19 -20.07 15.17 4.76
CA ASN A 19 -19.86 16.07 5.88
C ASN A 19 -18.38 16.24 6.18
N VAL A 20 -17.94 17.48 6.11
CA VAL A 20 -16.56 17.84 6.44
C VAL A 20 -16.56 18.87 7.57
N ALA A 21 -17.59 18.78 8.42
CA ALA A 21 -17.79 19.76 9.48
C ALA A 21 -17.81 19.10 10.86
N GLN A 22 -17.76 17.79 10.89
CA GLN A 22 -17.74 17.06 12.15
C GLN A 22 -16.48 16.22 12.27
N GLN A 23 -15.65 16.33 11.25
CA GLN A 23 -14.44 15.53 11.17
C GLN A 23 -13.25 16.41 10.80
N PRO A 24 -12.30 16.58 11.74
CA PRO A 24 -11.05 17.28 11.46
C PRO A 24 -10.17 16.49 10.51
N ALA A 25 -10.00 16.99 9.29
CA ALA A 25 -9.23 16.31 8.25
C ALA A 25 -9.86 14.97 7.92
N VAL A 26 -10.90 15.00 7.09
CA VAL A 26 -11.62 13.80 6.72
C VAL A 26 -10.75 12.82 5.95
N THR A 27 -10.61 11.62 6.46
CA THR A 27 -9.86 10.58 5.78
C THR A 27 -10.79 9.68 4.99
N LEU A 28 -10.30 9.22 3.84
CA LEU A 28 -11.06 8.37 2.93
C LEU A 28 -11.38 7.02 3.57
N PRO A 29 -12.43 6.33 3.09
CA PRO A 29 -12.88 5.05 3.66
C PRO A 29 -11.94 3.89 3.39
N VAL A 30 -10.66 4.16 3.51
CA VAL A 30 -9.60 3.18 3.35
C VAL A 30 -8.63 3.33 4.51
N THR A 31 -8.09 2.24 5.01
CA THR A 31 -7.13 2.34 6.10
C THR A 31 -5.79 2.84 5.59
N THR A 32 -5.36 3.96 6.13
CA THR A 32 -4.18 4.63 5.64
C THR A 32 -3.02 4.45 6.62
N ILE A 33 -3.05 3.37 7.37
CA ILE A 33 -1.96 3.05 8.28
C ILE A 33 -1.44 1.65 8.02
N VAL A 34 -0.35 1.57 7.27
CA VAL A 34 0.31 0.31 6.99
C VAL A 34 1.63 0.24 7.74
N PRO A 35 1.89 -0.87 8.45
CA PRO A 35 3.14 -1.09 9.17
C PRO A 35 4.31 -1.35 8.22
N ASP A 36 5.54 -1.13 8.71
CA ASP A 36 6.72 -1.28 7.87
C ASP A 36 7.14 -2.74 7.78
N SER A 37 6.31 -3.53 7.11
CA SER A 37 6.54 -4.94 6.91
C SER A 37 7.44 -5.17 5.69
N PRO A 38 8.12 -6.32 5.62
CA PRO A 38 8.81 -6.73 4.39
C PRO A 38 7.84 -6.89 3.21
N ASN A 39 6.56 -7.03 3.53
CA ASN A 39 5.50 -7.13 2.52
C ASN A 39 4.95 -5.75 2.18
N LYS A 40 5.67 -4.71 2.58
CA LYS A 40 5.26 -3.35 2.34
C LYS A 40 5.74 -2.92 0.96
N ILE A 41 4.81 -2.85 0.04
CA ILE A 41 5.13 -2.61 -1.35
C ILE A 41 4.96 -1.13 -1.69
N TYR A 42 5.84 -0.64 -2.52
CA TYR A 42 5.90 0.78 -2.84
C TYR A 42 5.16 1.10 -4.13
N VAL A 43 4.42 2.19 -4.09
CA VAL A 43 3.68 2.68 -5.25
C VAL A 43 4.18 4.06 -5.63
N GLY A 44 4.66 4.23 -6.85
CA GLY A 44 5.16 5.52 -7.27
C GLY A 44 4.69 5.90 -8.66
N GLY A 45 3.82 6.89 -8.73
CA GLY A 45 3.28 7.32 -10.01
C GLY A 45 1.81 7.65 -9.89
N LEU A 46 1.42 8.15 -8.72
CA LEU A 46 0.02 8.42 -8.44
C LEU A 46 -0.33 9.86 -8.79
N PRO A 47 -1.53 10.08 -9.34
CA PRO A 47 -2.03 11.43 -9.58
C PRO A 47 -2.28 12.19 -8.29
N THR A 48 -1.93 13.47 -8.29
CA THR A 48 -2.06 14.31 -7.11
C THR A 48 -3.51 14.41 -6.63
N CYS A 49 -4.46 14.22 -7.55
CA CYS A 49 -5.87 14.30 -7.22
C CYS A 49 -6.53 12.92 -7.27
N LEU A 50 -5.74 11.88 -7.03
CA LEU A 50 -6.26 10.52 -6.99
C LEU A 50 -6.59 10.15 -5.55
N ASN A 51 -7.68 9.41 -5.36
CA ASN A 51 -8.09 9.05 -4.01
C ASN A 51 -7.85 7.57 -3.74
N GLN A 52 -7.59 7.28 -2.47
CA GLN A 52 -7.31 5.93 -2.00
C GLN A 52 -8.43 4.97 -2.35
N ASP A 53 -9.62 5.50 -2.55
CA ASP A 53 -10.77 4.65 -2.85
C ASP A 53 -10.71 4.18 -4.28
N GLN A 54 -10.21 5.05 -5.15
CA GLN A 54 -10.04 4.72 -6.55
C GLN A 54 -8.74 3.93 -6.73
N VAL A 55 -7.71 4.34 -6.00
CA VAL A 55 -6.40 3.71 -6.11
C VAL A 55 -6.44 2.24 -5.67
N LYS A 56 -7.32 1.94 -4.72
CA LYS A 56 -7.41 0.58 -4.18
C LYS A 56 -7.98 -0.37 -5.24
N GLU A 57 -8.79 0.18 -6.13
CA GLU A 57 -9.47 -0.63 -7.15
C GLU A 57 -8.46 -1.14 -8.17
N LEU A 58 -7.40 -0.37 -8.35
CA LEU A 58 -6.33 -0.78 -9.26
C LEU A 58 -5.33 -1.67 -8.53
N LEU A 59 -5.04 -1.35 -7.28
CA LEU A 59 -4.02 -2.06 -6.52
C LEU A 59 -4.53 -3.42 -6.03
N GLN A 60 -5.80 -3.49 -5.68
CA GLN A 60 -6.36 -4.74 -5.18
C GLN A 60 -6.85 -5.62 -6.32
N SER A 61 -6.66 -5.13 -7.54
CA SER A 61 -7.09 -5.86 -8.74
C SER A 61 -6.37 -7.21 -8.81
N PHE A 62 -5.18 -7.27 -8.23
CA PHE A 62 -4.40 -8.50 -8.20
C PHE A 62 -4.63 -9.27 -6.91
N GLY A 63 -4.69 -8.54 -5.80
CA GLY A 63 -4.89 -9.15 -4.51
C GLY A 63 -5.48 -8.15 -3.55
N GLU A 64 -6.10 -8.64 -2.50
CA GLU A 64 -6.80 -7.77 -1.57
C GLU A 64 -5.82 -6.99 -0.69
N LEU A 65 -6.06 -5.69 -0.58
CA LEU A 65 -5.19 -4.82 0.19
C LEU A 65 -5.52 -4.90 1.67
N LYS A 66 -4.51 -4.73 2.50
CA LYS A 66 -4.67 -4.74 3.94
C LYS A 66 -4.52 -3.32 4.49
N GLY A 67 -3.96 -2.45 3.67
CA GLY A 67 -3.78 -1.06 4.07
C GLY A 67 -2.72 -0.38 3.24
N LEU A 68 -2.85 0.93 3.07
CA LEU A 68 -1.92 1.69 2.26
C LEU A 68 -1.92 3.15 2.66
N ASN A 69 -0.75 3.72 2.89
CA ASN A 69 -0.68 5.10 3.31
C ASN A 69 -0.32 6.02 2.14
N LEU A 70 -1.34 6.56 1.50
CA LEU A 70 -1.14 7.60 0.52
C LEU A 70 -0.86 8.91 1.22
N VAL A 71 0.26 9.51 0.88
CA VAL A 71 0.68 10.74 1.54
C VAL A 71 -0.13 11.92 1.04
N MET A 72 -1.13 12.30 1.81
CA MET A 72 -1.96 13.45 1.50
C MET A 72 -1.31 14.73 2.02
N ASP A 73 -0.54 15.37 1.16
CA ASP A 73 0.12 16.63 1.50
C ASP A 73 -0.90 17.66 1.95
N THR A 74 -0.74 18.13 3.18
CA THR A 74 -1.72 19.03 3.78
C THR A 74 -1.50 20.48 3.34
N ASN A 75 -0.40 20.73 2.63
CA ASN A 75 -0.06 22.08 2.19
C ASN A 75 -0.89 22.45 0.97
N THR A 76 -0.85 21.60 -0.04
CA THR A 76 -1.60 21.84 -1.27
C THR A 76 -2.86 20.96 -1.29
N ASN A 77 -3.01 20.15 -0.25
CA ASN A 77 -4.15 19.25 -0.08
C ASN A 77 -4.23 18.26 -1.25
N LEU A 78 -3.08 17.76 -1.66
CA LEU A 78 -3.01 16.82 -2.77
C LEU A 78 -2.08 15.67 -2.41
N ASN A 79 -2.14 14.61 -3.20
CA ASN A 79 -1.33 13.43 -2.95
C ASN A 79 0.06 13.60 -3.56
N LYS A 80 1.07 13.18 -2.81
CA LYS A 80 2.48 13.32 -3.20
C LYS A 80 2.80 12.58 -4.49
N GLY A 81 1.97 11.60 -4.83
CA GLY A 81 2.18 10.82 -6.03
C GLY A 81 2.83 9.48 -5.75
N PHE A 82 2.87 9.11 -4.47
CA PHE A 82 3.47 7.84 -4.08
C PHE A 82 2.85 7.36 -2.78
N ALA A 83 2.93 6.05 -2.55
CA ALA A 83 2.42 5.45 -1.33
C ALA A 83 3.06 4.08 -1.09
N PHE A 84 2.63 3.45 -0.01
CA PHE A 84 3.08 2.10 0.33
C PHE A 84 1.88 1.28 0.79
N PHE A 85 1.76 0.06 0.30
CA PHE A 85 0.64 -0.79 0.69
C PHE A 85 1.08 -2.17 1.14
N GLU A 86 0.27 -2.77 2.01
CA GLU A 86 0.48 -4.13 2.44
C GLU A 86 -0.69 -4.99 1.96
N TYR A 87 -0.41 -6.20 1.54
CA TYR A 87 -1.44 -7.10 1.07
C TYR A 87 -2.03 -7.92 2.22
N CYS A 88 -3.29 -8.29 2.10
CA CYS A 88 -3.96 -9.07 3.14
C CYS A 88 -3.33 -10.46 3.27
N ASP A 89 -3.65 -11.34 2.33
CA ASP A 89 -3.03 -12.66 2.28
C ASP A 89 -3.16 -13.27 0.88
N PRO A 90 -2.65 -12.58 -0.15
CA PRO A 90 -2.68 -13.05 -1.52
C PRO A 90 -1.39 -13.74 -1.93
N SER A 91 -1.51 -14.90 -2.56
CA SER A 91 -0.35 -15.64 -3.03
C SER A 91 0.20 -15.01 -4.30
N VAL A 92 -0.51 -14.01 -4.80
CA VAL A 92 -0.14 -13.30 -6.02
C VAL A 92 0.79 -12.12 -5.74
N THR A 93 1.00 -11.82 -4.45
CA THR A 93 1.79 -10.65 -4.02
C THR A 93 3.03 -10.39 -4.89
N ASP A 94 3.85 -11.41 -5.13
CA ASP A 94 5.08 -11.23 -5.90
C ASP A 94 4.77 -10.89 -7.36
N HIS A 95 3.76 -11.56 -7.91
CA HIS A 95 3.34 -11.30 -9.29
C HIS A 95 2.64 -9.96 -9.41
N ALA A 96 2.01 -9.52 -8.34
CA ALA A 96 1.31 -8.25 -8.31
C ALA A 96 2.27 -7.09 -8.49
N ILE A 97 3.40 -7.16 -7.78
CA ILE A 97 4.45 -6.17 -7.89
C ILE A 97 4.94 -6.04 -9.33
N ALA A 98 4.89 -7.13 -10.07
CA ALA A 98 5.35 -7.17 -11.44
C ALA A 98 4.25 -6.74 -12.41
N GLY A 99 3.01 -7.15 -12.11
CA GLY A 99 1.90 -6.86 -12.98
C GLY A 99 1.37 -5.44 -12.82
N LEU A 100 1.29 -4.99 -11.58
CA LEU A 100 0.81 -3.64 -11.29
C LEU A 100 1.93 -2.63 -11.43
N HIS A 101 3.14 -3.13 -11.68
CA HIS A 101 4.36 -2.31 -11.81
C HIS A 101 4.16 -1.13 -12.78
N GLY A 102 3.16 -1.23 -13.64
CA GLY A 102 2.82 -0.16 -14.54
C GLY A 102 1.35 -0.16 -14.89
N MET A 103 0.50 -0.36 -13.88
CA MET A 103 -0.92 -0.47 -14.11
C MET A 103 -1.68 0.69 -13.47
N LEU A 104 -2.07 1.64 -14.29
CA LEU A 104 -2.86 2.78 -13.85
C LEU A 104 -4.06 2.89 -14.79
N LEU A 105 -5.14 3.49 -14.32
CA LEU A 105 -6.34 3.61 -15.11
C LEU A 105 -6.09 4.53 -16.31
N GLY A 106 -6.43 4.04 -17.49
CA GLY A 106 -6.21 4.80 -18.71
C GLY A 106 -4.90 4.45 -19.36
N ASP A 107 -4.23 5.44 -19.92
CA ASP A 107 -2.99 5.20 -20.66
C ASP A 107 -1.78 5.63 -19.85
N ARG A 108 -1.97 5.76 -18.55
CA ARG A 108 -0.90 6.15 -17.65
C ARG A 108 -0.43 4.92 -16.86
N ARG A 109 0.64 5.08 -16.09
CA ARG A 109 1.15 3.97 -15.30
C ARG A 109 1.72 4.44 -13.97
N LEU A 110 1.47 3.64 -12.96
CA LEU A 110 2.06 3.85 -11.64
C LEU A 110 3.05 2.74 -11.38
N VAL A 111 4.12 3.02 -10.65
CA VAL A 111 5.12 2.02 -10.39
C VAL A 111 4.78 1.22 -9.16
N VAL A 112 4.95 -0.09 -9.26
CA VAL A 112 4.87 -0.95 -8.09
C VAL A 112 6.17 -1.71 -7.95
N GLN A 113 6.84 -1.47 -6.85
CA GLN A 113 8.10 -2.14 -6.56
C GLN A 113 8.20 -2.40 -5.07
N ARG A 114 8.99 -3.39 -4.70
CA ARG A 114 9.28 -3.60 -3.29
C ARG A 114 10.04 -2.38 -2.79
N SER A 115 9.63 -1.87 -1.63
CA SER A 115 10.09 -0.56 -1.13
C SER A 115 11.58 -0.31 -1.39
N ILE A 116 11.88 0.49 -2.42
CA ILE A 116 13.25 0.80 -2.78
C ILE A 116 13.75 1.98 -1.96
N PRO A 117 14.67 1.73 -1.02
CA PRO A 117 15.18 2.74 -0.12
C PRO A 117 16.39 3.49 -0.68
N GLY A 118 16.13 4.60 -1.35
CA GLY A 118 17.21 5.43 -1.84
C GLY A 118 17.76 6.34 -0.76
N GLY A 119 18.17 5.72 0.34
CA GLY A 119 18.60 6.47 1.51
C GLY A 119 17.50 6.52 2.55
N LYS A 120 17.82 7.04 3.73
CA LYS A 120 16.85 7.11 4.81
C LYS A 120 17.24 8.19 5.81
N ASN A 121 16.30 8.55 6.66
CA ASN A 121 16.50 9.65 7.60
C ASN A 121 16.82 9.14 8.99
N ALA A 122 17.03 7.83 9.09
CA ALA A 122 17.40 7.22 10.36
C ALA A 122 18.92 7.08 10.44
N SER A 1 15.17 -8.09 6.70
CA SER A 1 14.59 -7.71 8.01
C SER A 1 14.12 -6.26 7.97
N ILE A 2 12.82 -6.07 8.12
CA ILE A 2 12.24 -4.75 8.08
C ILE A 2 12.00 -4.26 9.50
N SER A 3 11.03 -4.88 10.15
CA SER A 3 10.66 -4.56 11.53
C SER A 3 9.37 -5.29 11.89
N VAL A 4 9.02 -5.27 13.16
CA VAL A 4 7.75 -5.81 13.62
C VAL A 4 7.14 -4.82 14.60
N SER A 5 6.81 -3.65 14.08
CA SER A 5 6.35 -2.56 14.92
C SER A 5 5.25 -1.78 14.24
N ALA A 6 4.54 -0.98 15.03
CA ALA A 6 3.54 -0.05 14.52
C ALA A 6 3.33 1.07 15.53
N MET A 7 2.52 0.77 16.56
CA MET A 7 2.25 1.69 17.65
C MET A 7 1.53 0.94 18.78
N GLU A 8 1.55 1.52 19.97
CA GLU A 8 0.81 0.99 21.11
C GLU A 8 1.31 -0.40 21.52
N SER A 9 0.43 -1.15 22.19
CA SER A 9 0.73 -2.49 22.69
C SER A 9 1.62 -2.41 23.92
N TYR A 10 2.86 -2.03 23.68
CA TYR A 10 3.81 -1.79 24.75
C TYR A 10 4.62 -0.56 24.44
N ARG A 11 5.38 -0.61 23.35
CA ARG A 11 6.19 0.53 22.92
C ARG A 11 6.35 0.52 21.40
N SER A 12 5.25 0.31 20.69
CA SER A 12 5.24 0.31 19.23
C SER A 12 5.87 -0.95 18.65
N PHE A 13 7.05 -1.29 19.14
CA PHE A 13 7.78 -2.48 18.70
C PHE A 13 7.27 -3.71 19.41
N ARG A 14 6.00 -3.98 19.23
CA ARG A 14 5.35 -5.14 19.80
C ARG A 14 4.13 -5.49 18.97
N VAL A 15 4.00 -6.79 18.69
CA VAL A 15 2.80 -7.34 18.07
C VAL A 15 1.53 -6.71 18.65
N PRO A 16 0.59 -6.29 17.77
CA PRO A 16 -0.60 -5.52 18.14
C PRO A 16 -1.35 -6.11 19.33
N ALA A 17 -1.89 -5.21 20.17
CA ALA A 17 -2.60 -5.59 21.39
C ALA A 17 -1.65 -6.27 22.37
N ILE A 18 -2.18 -6.71 23.49
CA ILE A 18 -1.38 -7.40 24.48
C ILE A 18 -1.33 -8.89 24.14
N ASN A 19 -0.47 -9.21 23.20
CA ASN A 19 -0.31 -10.59 22.75
C ASN A 19 0.45 -11.41 23.80
N VAL A 20 -0.30 -12.10 24.65
CA VAL A 20 0.30 -12.96 25.65
C VAL A 20 0.03 -14.41 25.27
N ALA A 21 -0.17 -14.63 23.98
CA ALA A 21 -0.43 -15.95 23.45
C ALA A 21 0.77 -16.43 22.64
N GLN A 22 0.92 -17.74 22.52
CA GLN A 22 2.03 -18.33 21.78
C GLN A 22 1.62 -18.67 20.36
N GLN A 23 0.84 -17.78 19.75
CA GLN A 23 0.38 -17.99 18.39
C GLN A 23 0.94 -16.92 17.47
N PRO A 24 1.99 -17.26 16.69
CA PRO A 24 2.59 -16.34 15.73
C PRO A 24 1.82 -16.30 14.41
N ALA A 25 0.52 -16.09 14.53
CA ALA A 25 -0.37 -16.03 13.36
C ALA A 25 -1.17 -14.74 13.40
N VAL A 26 -0.45 -13.64 13.54
CA VAL A 26 -1.06 -12.32 13.61
C VAL A 26 -0.25 -11.32 12.80
N THR A 27 -0.95 -10.40 12.16
CA THR A 27 -0.29 -9.35 11.40
C THR A 27 -0.29 -8.04 12.19
N LEU A 28 0.44 -7.06 11.71
CA LEU A 28 0.52 -5.76 12.38
C LEU A 28 -0.82 -5.03 12.28
N PRO A 29 -1.06 -4.03 13.15
CA PRO A 29 -2.28 -3.23 13.12
C PRO A 29 -2.26 -2.23 11.96
N VAL A 30 -2.61 -2.71 10.79
CA VAL A 30 -2.47 -1.93 9.57
C VAL A 30 -3.67 -1.01 9.35
N THR A 31 -3.36 0.17 8.87
CA THR A 31 -4.34 1.19 8.56
C THR A 31 -3.77 2.03 7.42
N THR A 32 -4.23 3.26 7.24
CA THR A 32 -3.65 4.13 6.23
C THR A 32 -2.14 4.25 6.47
N ILE A 33 -1.78 4.29 7.73
CA ILE A 33 -0.38 4.25 8.12
C ILE A 33 0.11 2.80 8.12
N VAL A 34 0.93 2.46 7.14
CA VAL A 34 1.37 1.09 6.96
C VAL A 34 2.69 0.84 7.68
N PRO A 35 2.75 -0.22 8.49
CA PRO A 35 3.95 -0.62 9.21
C PRO A 35 4.95 -1.34 8.29
N ASP A 36 5.94 -1.98 8.90
CA ASP A 36 6.98 -2.65 8.15
C ASP A 36 6.74 -4.15 8.06
N SER A 37 5.56 -4.52 7.60
CA SER A 37 5.23 -5.92 7.40
C SER A 37 5.85 -6.42 6.10
N PRO A 38 6.07 -7.75 5.98
CA PRO A 38 6.79 -8.37 4.84
C PRO A 38 6.12 -8.12 3.49
N ASN A 39 4.96 -7.49 3.48
CA ASN A 39 4.23 -7.23 2.25
C ASN A 39 4.21 -5.74 1.93
N LYS A 40 5.16 -5.01 2.50
CA LYS A 40 5.26 -3.57 2.31
C LYS A 40 5.78 -3.24 0.91
N ILE A 41 4.89 -2.80 0.04
CA ILE A 41 5.23 -2.56 -1.34
C ILE A 41 5.08 -1.08 -1.70
N TYR A 42 5.98 -0.60 -2.54
CA TYR A 42 6.05 0.81 -2.92
C TYR A 42 5.29 1.08 -4.22
N VAL A 43 4.61 2.21 -4.27
CA VAL A 43 3.91 2.66 -5.47
C VAL A 43 4.45 4.04 -5.89
N GLY A 44 4.77 4.19 -7.16
CA GLY A 44 5.28 5.46 -7.64
C GLY A 44 4.68 5.87 -8.98
N GLY A 45 3.88 6.92 -8.97
CA GLY A 45 3.23 7.37 -10.18
C GLY A 45 1.73 7.53 -9.98
N LEU A 46 1.36 8.11 -8.85
CA LEU A 46 -0.05 8.27 -8.52
C LEU A 46 -0.53 9.67 -8.83
N PRO A 47 -1.79 9.81 -9.29
CA PRO A 47 -2.41 11.12 -9.50
C PRO A 47 -2.58 11.87 -8.19
N THR A 48 -2.20 13.13 -8.20
CA THR A 48 -2.20 13.96 -7.01
C THR A 48 -3.60 14.12 -6.39
N CYS A 49 -4.65 13.94 -7.19
CA CYS A 49 -6.01 14.04 -6.67
C CYS A 49 -6.74 12.70 -6.75
N LEU A 50 -5.97 11.61 -6.81
CA LEU A 50 -6.54 10.27 -6.86
C LEU A 50 -7.11 9.90 -5.48
N ASN A 51 -8.27 9.23 -5.46
CA ASN A 51 -8.95 8.95 -4.22
C ASN A 51 -8.56 7.58 -3.68
N GLN A 52 -8.54 7.47 -2.36
CA GLN A 52 -8.20 6.24 -1.65
C GLN A 52 -9.14 5.11 -2.05
N ASP A 53 -10.34 5.47 -2.48
CA ASP A 53 -11.33 4.48 -2.89
C ASP A 53 -11.00 3.96 -4.30
N GLN A 54 -10.53 4.85 -5.15
CA GLN A 54 -10.15 4.47 -6.50
C GLN A 54 -8.77 3.79 -6.48
N VAL A 55 -7.90 4.29 -5.62
CA VAL A 55 -6.54 3.82 -5.55
C VAL A 55 -6.49 2.33 -5.20
N LYS A 56 -7.40 1.88 -4.34
CA LYS A 56 -7.39 0.51 -3.88
C LYS A 56 -7.83 -0.41 -5.02
N GLU A 57 -8.74 0.06 -5.86
CA GLU A 57 -9.26 -0.75 -6.96
C GLU A 57 -8.15 -1.06 -7.96
N LEU A 58 -7.15 -0.19 -7.98
CA LEU A 58 -5.99 -0.38 -8.85
C LEU A 58 -4.97 -1.29 -8.18
N LEU A 59 -4.70 -1.06 -6.90
CA LEU A 59 -3.67 -1.80 -6.20
C LEU A 59 -4.17 -3.19 -5.76
N GLN A 60 -5.47 -3.35 -5.63
CA GLN A 60 -6.04 -4.63 -5.22
C GLN A 60 -6.47 -5.44 -6.45
N SER A 61 -6.14 -4.93 -7.63
CA SER A 61 -6.49 -5.58 -8.88
C SER A 61 -5.93 -7.01 -8.95
N PHE A 62 -4.86 -7.25 -8.22
CA PHE A 62 -4.26 -8.57 -8.17
C PHE A 62 -4.66 -9.31 -6.89
N GLY A 63 -4.50 -8.65 -5.76
CA GLY A 63 -4.83 -9.23 -4.49
C GLY A 63 -5.42 -8.18 -3.60
N GLU A 64 -5.92 -8.58 -2.46
CA GLU A 64 -6.63 -7.67 -1.58
C GLU A 64 -5.67 -6.91 -0.68
N LEU A 65 -5.88 -5.61 -0.60
CA LEU A 65 -5.03 -4.72 0.17
C LEU A 65 -5.40 -4.75 1.64
N LYS A 66 -4.40 -4.60 2.48
CA LYS A 66 -4.61 -4.50 3.91
C LYS A 66 -4.55 -3.04 4.34
N GLY A 67 -4.03 -2.20 3.43
CA GLY A 67 -3.97 -0.78 3.68
C GLY A 67 -2.85 -0.15 2.90
N LEU A 68 -2.93 1.15 2.66
CA LEU A 68 -1.87 1.87 1.96
C LEU A 68 -1.82 3.33 2.37
N ASN A 69 -0.60 3.85 2.47
CA ASN A 69 -0.40 5.23 2.89
C ASN A 69 -0.22 6.15 1.69
N LEU A 70 -1.30 6.77 1.26
CA LEU A 70 -1.22 7.80 0.25
C LEU A 70 -0.74 9.09 0.90
N VAL A 71 0.51 9.43 0.66
CA VAL A 71 1.10 10.60 1.30
C VAL A 71 0.54 11.88 0.70
N MET A 72 -0.43 12.46 1.41
CA MET A 72 -1.03 13.70 0.98
C MET A 72 -0.27 14.87 1.59
N ASP A 73 0.25 15.71 0.72
CA ASP A 73 0.93 16.92 1.16
C ASP A 73 -0.04 17.83 1.86
N THR A 74 0.31 18.29 3.03
CA THR A 74 -0.60 19.05 3.86
C THR A 74 -0.72 20.51 3.42
N ASN A 75 0.12 20.90 2.47
CA ASN A 75 0.12 22.28 1.98
C ASN A 75 -0.92 22.46 0.89
N THR A 76 -0.82 21.62 -0.13
CA THR A 76 -1.73 21.70 -1.28
C THR A 76 -2.84 20.65 -1.17
N ASN A 77 -2.80 19.87 -0.08
CA ASN A 77 -3.79 18.84 0.22
C ASN A 77 -3.90 17.83 -0.92
N LEU A 78 -2.76 17.44 -1.46
CA LEU A 78 -2.72 16.54 -2.61
C LEU A 78 -1.69 15.45 -2.40
N ASN A 79 -1.94 14.29 -3.01
CA ASN A 79 -1.03 13.17 -2.95
C ASN A 79 0.26 13.52 -3.66
N LYS A 80 1.38 13.16 -3.07
CA LYS A 80 2.69 13.48 -3.63
C LYS A 80 2.98 12.66 -4.89
N GLY A 81 2.17 11.63 -5.11
CA GLY A 81 2.29 10.85 -6.33
C GLY A 81 2.94 9.51 -6.08
N PHE A 82 3.05 9.13 -4.81
CA PHE A 82 3.64 7.84 -4.45
C PHE A 82 3.06 7.37 -3.13
N ALA A 83 3.13 6.08 -2.89
CA ALA A 83 2.59 5.50 -1.67
C ALA A 83 3.22 4.16 -1.37
N PHE A 84 2.81 3.56 -0.27
CA PHE A 84 3.21 2.22 0.10
C PHE A 84 1.98 1.44 0.54
N PHE A 85 1.79 0.24 0.00
CA PHE A 85 0.65 -0.57 0.38
C PHE A 85 1.12 -1.90 0.94
N GLU A 86 0.26 -2.50 1.72
CA GLU A 86 0.53 -3.81 2.28
C GLU A 86 -0.55 -4.79 1.83
N TYR A 87 -0.14 -5.95 1.37
CA TYR A 87 -1.08 -6.97 0.96
C TYR A 87 -1.52 -7.82 2.15
N CYS A 88 -2.79 -8.17 2.19
CA CYS A 88 -3.35 -8.92 3.32
C CYS A 88 -2.64 -10.27 3.48
N ASP A 89 -2.94 -11.21 2.60
CA ASP A 89 -2.24 -12.49 2.55
C ASP A 89 -2.46 -13.19 1.20
N PRO A 90 -2.15 -12.49 0.09
CA PRO A 90 -2.36 -13.00 -1.25
C PRO A 90 -1.15 -13.74 -1.80
N SER A 91 -1.41 -14.79 -2.56
CA SER A 91 -0.34 -15.57 -3.19
C SER A 91 0.09 -14.92 -4.50
N VAL A 92 -0.61 -13.85 -4.87
CA VAL A 92 -0.30 -13.11 -6.10
C VAL A 92 0.70 -11.99 -5.85
N THR A 93 1.02 -11.73 -4.58
CA THR A 93 1.87 -10.61 -4.17
C THR A 93 3.05 -10.35 -5.12
N ASP A 94 3.85 -11.37 -5.43
CA ASP A 94 5.03 -11.19 -6.27
C ASP A 94 4.65 -10.85 -7.70
N HIS A 95 3.66 -11.54 -8.24
CA HIS A 95 3.19 -11.29 -9.60
C HIS A 95 2.48 -9.94 -9.68
N ALA A 96 1.86 -9.53 -8.58
CA ALA A 96 1.19 -8.24 -8.50
C ALA A 96 2.16 -7.10 -8.72
N ILE A 97 3.31 -7.21 -8.08
CA ILE A 97 4.38 -6.22 -8.22
C ILE A 97 4.80 -6.08 -9.68
N ALA A 98 4.64 -7.15 -10.45
CA ALA A 98 4.99 -7.14 -11.86
C ALA A 98 3.84 -6.62 -12.72
N GLY A 99 2.63 -7.10 -12.44
CA GLY A 99 1.48 -6.72 -13.22
C GLY A 99 1.06 -5.29 -12.98
N LEU A 100 1.15 -4.86 -11.73
CA LEU A 100 0.73 -3.51 -11.36
C LEU A 100 1.88 -2.52 -11.50
N HIS A 101 3.05 -3.03 -11.86
CA HIS A 101 4.27 -2.22 -11.99
C HIS A 101 4.09 -1.08 -13.00
N GLY A 102 3.02 -1.14 -13.77
CA GLY A 102 2.69 -0.07 -14.69
C GLY A 102 1.20 -0.01 -14.96
N MET A 103 0.40 -0.33 -13.96
CA MET A 103 -1.05 -0.46 -14.14
C MET A 103 -1.80 0.68 -13.48
N LEU A 104 -2.36 1.55 -14.30
CA LEU A 104 -3.20 2.63 -13.83
C LEU A 104 -4.34 2.78 -14.85
N LEU A 105 -5.53 3.12 -14.36
CA LEU A 105 -6.69 3.21 -15.22
C LEU A 105 -6.54 4.40 -16.19
N GLY A 106 -6.83 4.14 -17.45
CA GLY A 106 -6.66 5.15 -18.48
C GLY A 106 -5.33 5.01 -19.19
N ASP A 107 -4.72 6.13 -19.52
CA ASP A 107 -3.46 6.11 -20.27
C ASP A 107 -2.30 6.52 -19.38
N ARG A 108 -2.51 6.49 -18.08
CA ARG A 108 -1.46 6.75 -17.13
C ARG A 108 -0.98 5.44 -16.52
N ARG A 109 0.07 5.53 -15.72
CA ARG A 109 0.66 4.33 -15.13
C ARG A 109 1.34 4.66 -13.81
N LEU A 110 1.44 3.64 -12.96
CA LEU A 110 2.09 3.76 -11.67
C LEU A 110 3.08 2.63 -11.49
N VAL A 111 4.14 2.87 -10.73
CA VAL A 111 5.16 1.87 -10.52
C VAL A 111 4.89 1.08 -9.25
N VAL A 112 5.26 -0.18 -9.24
CA VAL A 112 5.13 -1.03 -8.07
C VAL A 112 6.45 -1.75 -7.80
N GLN A 113 7.04 -1.50 -6.64
CA GLN A 113 8.32 -2.09 -6.28
C GLN A 113 8.33 -2.53 -4.83
N ARG A 114 9.12 -3.54 -4.52
CA ARG A 114 9.27 -4.02 -3.15
C ARG A 114 10.12 -3.03 -2.36
N SER A 115 9.66 -2.71 -1.15
CA SER A 115 10.36 -1.73 -0.32
C SER A 115 11.55 -2.38 0.38
N ILE A 116 11.28 -3.08 1.46
CA ILE A 116 12.30 -3.80 2.20
C ILE A 116 11.76 -5.17 2.62
N PRO A 117 12.48 -6.26 2.31
CA PRO A 117 12.05 -7.59 2.69
C PRO A 117 12.42 -7.93 4.13
N GLY A 118 11.60 -8.77 4.76
CA GLY A 118 11.80 -9.08 6.15
C GLY A 118 12.55 -10.38 6.36
N GLY A 119 12.48 -11.26 5.38
CA GLY A 119 13.08 -12.56 5.52
C GLY A 119 12.13 -13.53 6.19
N LYS A 120 10.86 -13.39 5.87
CA LYS A 120 9.82 -14.22 6.44
C LYS A 120 8.83 -14.65 5.37
N ASN A 121 8.46 -15.92 5.40
CA ASN A 121 7.52 -16.49 4.44
C ASN A 121 7.09 -17.88 4.87
N ALA A 122 5.89 -18.28 4.45
CA ALA A 122 5.33 -19.59 4.78
C ALA A 122 5.29 -19.81 6.29
N SER A 1 9.14 3.89 5.55
CA SER A 1 10.44 4.52 5.26
C SER A 1 11.55 3.48 5.36
N ILE A 2 12.48 3.54 4.42
CA ILE A 2 13.64 2.68 4.45
C ILE A 2 14.69 3.30 5.36
N SER A 3 14.37 3.29 6.66
CA SER A 3 15.22 3.88 7.69
C SER A 3 15.10 5.41 7.66
N VAL A 4 15.70 6.09 8.63
CA VAL A 4 15.57 7.53 8.73
C VAL A 4 16.93 8.22 8.70
N SER A 5 17.87 7.61 8.00
CA SER A 5 19.21 8.17 7.89
C SER A 5 19.25 9.22 6.79
N ALA A 6 18.53 8.97 5.70
CA ALA A 6 18.49 9.90 4.58
C ALA A 6 17.34 10.89 4.74
N MET A 7 17.06 11.26 5.98
CA MET A 7 15.98 12.19 6.28
C MET A 7 16.55 13.55 6.66
N GLU A 8 16.52 14.47 5.71
CA GLU A 8 17.02 15.82 5.94
C GLU A 8 15.85 16.78 6.12
N SER A 9 16.17 18.01 6.55
CA SER A 9 15.17 19.06 6.75
C SER A 9 14.21 18.67 7.87
N TYR A 10 14.78 18.05 8.91
CA TYR A 10 14.00 17.57 10.06
C TYR A 10 12.96 16.56 9.61
N ARG A 11 11.96 16.32 10.44
CA ARG A 11 10.89 15.42 10.09
C ARG A 11 9.83 16.18 9.31
N SER A 12 9.34 17.27 9.91
CA SER A 12 8.31 18.11 9.32
C SER A 12 6.98 17.37 9.25
N PHE A 13 5.89 18.11 8.98
CA PHE A 13 4.55 17.54 8.96
C PHE A 13 4.25 16.92 10.33
N ARG A 14 4.65 17.62 11.39
CA ARG A 14 4.49 17.10 12.74
C ARG A 14 3.54 17.97 13.54
N VAL A 15 2.56 18.52 12.85
CA VAL A 15 1.54 19.36 13.46
C VAL A 15 0.17 18.95 12.95
N PRO A 16 -0.51 18.04 13.65
CA PRO A 16 -1.84 17.60 13.25
C PRO A 16 -2.92 18.62 13.59
N ALA A 17 -3.99 18.60 12.81
CA ALA A 17 -5.15 19.43 13.10
C ALA A 17 -6.01 18.75 14.15
N ILE A 18 -5.70 19.00 15.41
CA ILE A 18 -6.42 18.37 16.50
C ILE A 18 -7.70 19.12 16.81
N ASN A 19 -8.70 18.92 15.95
CA ASN A 19 -10.03 19.48 16.15
C ASN A 19 -11.07 18.48 15.68
N VAL A 20 -10.65 17.24 15.55
CA VAL A 20 -11.50 16.19 14.99
C VAL A 20 -11.42 14.92 15.85
N ALA A 21 -10.90 15.08 17.04
CA ALA A 21 -10.74 13.96 17.96
C ALA A 21 -10.87 14.43 19.40
N GLN A 22 -12.02 14.15 20.00
CA GLN A 22 -12.26 14.55 21.38
C GLN A 22 -11.61 13.55 22.33
N GLN A 23 -10.30 13.39 22.15
CA GLN A 23 -9.51 12.48 22.97
C GLN A 23 -8.13 13.11 23.17
N PRO A 24 -7.69 13.26 24.44
CA PRO A 24 -6.42 13.92 24.77
C PRO A 24 -5.18 13.13 24.31
N ALA A 25 -4.97 13.11 23.01
CA ALA A 25 -3.78 12.50 22.42
C ALA A 25 -3.44 13.21 21.13
N VAL A 26 -2.49 14.14 21.21
CA VAL A 26 -2.11 14.95 20.06
C VAL A 26 -1.19 14.19 19.11
N THR A 27 -1.71 13.09 18.57
CA THR A 27 -0.95 12.25 17.65
C THR A 27 -0.86 12.90 16.28
N LEU A 28 0.28 12.70 15.63
CA LEU A 28 0.58 13.27 14.32
C LEU A 28 -0.51 12.93 13.30
N PRO A 29 -0.68 13.78 12.27
CA PRO A 29 -1.81 13.69 11.34
C PRO A 29 -1.61 12.61 10.28
N VAL A 30 -1.28 11.41 10.73
CA VAL A 30 -0.98 10.32 9.82
C VAL A 30 -2.16 9.37 9.70
N THR A 31 -2.67 9.24 8.48
CA THR A 31 -3.72 8.28 8.17
C THR A 31 -3.08 7.07 7.52
N THR A 32 -3.89 6.05 7.21
CA THR A 32 -3.43 4.90 6.44
C THR A 32 -2.12 4.38 7.01
N ILE A 33 -1.99 4.52 8.33
CA ILE A 33 -0.76 4.19 9.03
C ILE A 33 -0.36 2.75 8.83
N VAL A 34 0.36 2.51 7.77
CA VAL A 34 0.96 1.21 7.52
C VAL A 34 2.47 1.27 7.71
N PRO A 35 3.00 0.66 8.78
CA PRO A 35 4.45 0.69 9.10
C PRO A 35 5.31 0.02 8.02
N ASP A 36 6.61 -0.01 8.26
CA ASP A 36 7.57 -0.54 7.30
C ASP A 36 7.75 -2.04 7.46
N SER A 37 6.76 -2.79 6.98
CA SER A 37 6.81 -4.23 6.95
C SER A 37 7.52 -4.68 5.67
N PRO A 38 8.18 -5.86 5.68
CA PRO A 38 8.84 -6.42 4.49
C PRO A 38 7.85 -6.68 3.34
N ASN A 39 6.56 -6.67 3.67
CA ASN A 39 5.51 -6.90 2.67
C ASN A 39 5.10 -5.59 2.01
N LYS A 40 5.61 -4.49 2.53
CA LYS A 40 5.26 -3.16 2.03
C LYS A 40 5.75 -2.97 0.62
N ILE A 41 4.81 -2.79 -0.28
CA ILE A 41 5.13 -2.54 -1.66
C ILE A 41 4.86 -1.09 -2.03
N TYR A 42 5.79 -0.51 -2.76
CA TYR A 42 5.72 0.89 -3.14
C TYR A 42 5.10 1.04 -4.51
N VAL A 43 4.20 2.00 -4.62
CA VAL A 43 3.62 2.36 -5.90
C VAL A 43 3.88 3.84 -6.18
N GLY A 44 4.48 4.12 -7.32
CA GLY A 44 4.82 5.49 -7.62
C GLY A 44 4.31 5.93 -8.97
N GLY A 45 3.02 6.18 -9.05
CA GLY A 45 2.45 6.76 -10.24
C GLY A 45 0.99 7.13 -10.04
N LEU A 46 0.68 7.67 -8.88
CA LEU A 46 -0.71 7.98 -8.53
C LEU A 46 -1.03 9.43 -8.90
N PRO A 47 -2.27 9.69 -9.34
CA PRO A 47 -2.77 11.04 -9.52
C PRO A 47 -2.92 11.74 -8.17
N THR A 48 -2.64 13.04 -8.16
CA THR A 48 -2.63 13.81 -6.92
C THR A 48 -4.02 13.94 -6.32
N CYS A 49 -5.04 13.94 -7.17
CA CYS A 49 -6.42 14.09 -6.72
C CYS A 49 -7.15 12.75 -6.74
N LEU A 50 -6.39 11.66 -6.76
CA LEU A 50 -6.96 10.33 -6.76
C LEU A 50 -7.41 9.94 -5.35
N ASN A 51 -8.48 9.18 -5.24
CA ASN A 51 -9.06 8.85 -3.94
C ASN A 51 -8.65 7.45 -3.51
N GLN A 52 -8.62 7.23 -2.20
CA GLN A 52 -8.26 5.93 -1.63
C GLN A 52 -9.16 4.82 -2.19
N ASP A 53 -10.40 5.19 -2.47
CA ASP A 53 -11.39 4.29 -3.03
C ASP A 53 -10.91 3.76 -4.36
N GLN A 54 -10.53 4.69 -5.21
CA GLN A 54 -10.20 4.42 -6.57
C GLN A 54 -8.77 3.91 -6.68
N VAL A 55 -7.95 4.27 -5.70
CA VAL A 55 -6.55 3.89 -5.68
C VAL A 55 -6.37 2.41 -5.37
N LYS A 56 -7.15 1.90 -4.42
CA LYS A 56 -7.01 0.50 -4.02
C LYS A 56 -7.31 -0.40 -5.21
N GLU A 57 -8.23 0.03 -6.05
CA GLU A 57 -8.64 -0.72 -7.21
C GLU A 57 -7.51 -0.84 -8.22
N LEU A 58 -6.51 0.02 -8.07
CA LEU A 58 -5.38 0.04 -8.97
C LEU A 58 -4.33 -0.93 -8.47
N LEU A 59 -4.02 -0.82 -7.19
CA LEU A 59 -2.92 -1.62 -6.64
C LEU A 59 -3.36 -2.97 -6.04
N GLN A 60 -4.64 -3.19 -5.86
CA GLN A 60 -5.13 -4.46 -5.31
C GLN A 60 -5.71 -5.29 -6.44
N SER A 61 -5.46 -4.85 -7.67
CA SER A 61 -5.99 -5.51 -8.86
C SER A 61 -5.67 -7.01 -8.90
N PHE A 62 -4.64 -7.42 -8.16
CA PHE A 62 -4.27 -8.83 -8.12
C PHE A 62 -4.78 -9.52 -6.86
N GLY A 63 -4.73 -8.82 -5.73
CA GLY A 63 -5.11 -9.42 -4.46
C GLY A 63 -5.96 -8.50 -3.60
N GLU A 64 -5.67 -8.48 -2.31
CA GLU A 64 -6.40 -7.63 -1.38
C GLU A 64 -5.43 -6.91 -0.45
N LEU A 65 -5.71 -5.65 -0.19
CA LEU A 65 -4.86 -4.83 0.65
C LEU A 65 -5.17 -5.02 2.12
N LYS A 66 -4.14 -4.88 2.94
CA LYS A 66 -4.30 -4.85 4.38
C LYS A 66 -4.27 -3.40 4.84
N GLY A 67 -3.74 -2.55 3.98
CA GLY A 67 -3.66 -1.13 4.26
C GLY A 67 -2.69 -0.45 3.31
N LEU A 68 -2.78 0.87 3.16
CA LEU A 68 -1.89 1.58 2.26
C LEU A 68 -1.77 3.04 2.64
N ASN A 69 -0.57 3.46 3.00
CA ASN A 69 -0.34 4.83 3.41
C ASN A 69 -0.10 5.73 2.22
N LEU A 70 -1.16 6.44 1.83
CA LEU A 70 -1.06 7.46 0.79
C LEU A 70 -0.47 8.73 1.40
N VAL A 71 0.72 9.11 0.95
CA VAL A 71 1.34 10.31 1.50
C VAL A 71 0.63 11.56 0.98
N MET A 72 0.18 12.38 1.90
CA MET A 72 -0.52 13.60 1.56
C MET A 72 0.38 14.79 1.77
N ASP A 73 0.29 15.75 0.87
CA ASP A 73 0.98 17.01 1.02
C ASP A 73 0.03 17.99 1.69
N THR A 74 0.49 18.62 2.75
CA THR A 74 -0.39 19.45 3.57
C THR A 74 -0.75 20.77 2.88
N ASN A 75 0.01 21.15 1.85
CA ASN A 75 -0.26 22.41 1.18
C ASN A 75 -1.21 22.19 0.02
N THR A 76 -1.01 21.09 -0.69
CA THR A 76 -1.89 20.74 -1.80
C THR A 76 -3.18 20.12 -1.29
N ASN A 77 -3.07 19.55 -0.09
CA ASN A 77 -4.16 18.77 0.53
C ASN A 77 -4.43 17.54 -0.32
N LEU A 78 -3.38 17.09 -1.00
CA LEU A 78 -3.52 16.02 -1.98
C LEU A 78 -2.43 14.96 -1.78
N ASN A 79 -2.43 13.95 -2.63
CA ASN A 79 -1.43 12.89 -2.56
C ASN A 79 -0.25 13.26 -3.45
N LYS A 80 0.95 12.87 -3.02
CA LYS A 80 2.17 13.25 -3.73
C LYS A 80 2.37 12.39 -4.98
N GLY A 81 1.53 11.39 -5.15
CA GLY A 81 1.60 10.56 -6.33
C GLY A 81 2.30 9.25 -6.10
N PHE A 82 2.54 8.91 -4.84
CA PHE A 82 3.18 7.66 -4.50
C PHE A 82 2.71 7.21 -3.13
N ALA A 83 2.76 5.92 -2.89
CA ALA A 83 2.32 5.36 -1.62
C ALA A 83 2.92 3.99 -1.38
N PHE A 84 2.59 3.40 -0.24
CA PHE A 84 3.09 2.09 0.11
C PHE A 84 1.92 1.26 0.64
N PHE A 85 1.74 0.07 0.10
CA PHE A 85 0.65 -0.77 0.53
C PHE A 85 1.14 -2.11 1.02
N GLU A 86 0.38 -2.69 1.93
CA GLU A 86 0.68 -4.01 2.44
C GLU A 86 -0.46 -4.93 2.05
N TYR A 87 -0.13 -6.10 1.53
CA TYR A 87 -1.14 -7.05 1.11
C TYR A 87 -1.64 -7.87 2.29
N CYS A 88 -2.87 -8.35 2.22
CA CYS A 88 -3.44 -9.15 3.28
C CYS A 88 -2.73 -10.50 3.38
N ASP A 89 -2.94 -11.37 2.39
CA ASP A 89 -2.26 -12.66 2.32
C ASP A 89 -2.43 -13.31 0.94
N PRO A 90 -2.03 -12.61 -0.13
CA PRO A 90 -2.18 -13.09 -1.50
C PRO A 90 -0.91 -13.74 -2.04
N SER A 91 -1.09 -14.82 -2.79
CA SER A 91 0.03 -15.49 -3.44
C SER A 91 0.46 -14.70 -4.68
N VAL A 92 -0.43 -13.82 -5.13
CA VAL A 92 -0.19 -12.99 -6.29
C VAL A 92 0.76 -11.84 -6.00
N THR A 93 1.12 -11.65 -4.72
CA THR A 93 1.99 -10.54 -4.30
C THR A 93 3.14 -10.28 -5.28
N ASP A 94 3.90 -11.31 -5.61
CA ASP A 94 5.02 -11.17 -6.54
C ASP A 94 4.53 -10.87 -7.96
N HIS A 95 3.41 -11.47 -8.32
CA HIS A 95 2.82 -11.27 -9.65
C HIS A 95 2.33 -9.84 -9.80
N ALA A 96 1.87 -9.26 -8.69
CA ALA A 96 1.40 -7.89 -8.69
C ALA A 96 2.52 -6.93 -9.02
N ILE A 97 3.67 -7.15 -8.40
CA ILE A 97 4.85 -6.33 -8.62
C ILE A 97 5.32 -6.44 -10.07
N ALA A 98 5.01 -7.57 -10.70
CA ALA A 98 5.40 -7.82 -12.08
C ALA A 98 4.35 -7.27 -13.06
N GLY A 99 3.08 -7.40 -12.69
CA GLY A 99 2.00 -7.03 -13.59
C GLY A 99 1.56 -5.59 -13.41
N LEU A 100 1.53 -5.13 -12.17
CA LEU A 100 1.08 -3.78 -11.88
C LEU A 100 2.23 -2.80 -11.97
N HIS A 101 3.43 -3.32 -12.21
CA HIS A 101 4.66 -2.52 -12.30
C HIS A 101 4.49 -1.32 -13.25
N GLY A 102 3.54 -1.41 -14.16
CA GLY A 102 3.21 -0.30 -15.03
C GLY A 102 1.76 -0.32 -15.44
N MET A 103 0.88 -0.68 -14.51
CA MET A 103 -0.53 -0.85 -14.81
C MET A 103 -1.40 0.17 -14.08
N LEU A 104 -2.02 1.04 -14.85
CA LEU A 104 -2.97 2.01 -14.32
C LEU A 104 -4.14 2.11 -15.29
N LEU A 105 -5.30 2.46 -14.78
CA LEU A 105 -6.50 2.57 -15.60
C LEU A 105 -6.37 3.73 -16.59
N GLY A 106 -6.61 3.44 -17.86
CA GLY A 106 -6.53 4.45 -18.89
C GLY A 106 -5.18 4.46 -19.59
N ASP A 107 -4.69 5.64 -19.91
CA ASP A 107 -3.42 5.76 -20.64
C ASP A 107 -2.26 5.89 -19.67
N ARG A 108 -2.58 6.04 -18.39
CA ARG A 108 -1.57 6.29 -17.39
C ARG A 108 -0.99 4.98 -16.85
N ARG A 109 0.12 5.08 -16.14
CA ARG A 109 0.73 3.91 -15.53
C ARG A 109 1.30 4.28 -14.16
N LEU A 110 1.55 3.27 -13.35
CA LEU A 110 2.14 3.46 -12.04
C LEU A 110 3.27 2.47 -11.82
N VAL A 111 4.26 2.84 -11.02
CA VAL A 111 5.41 1.98 -10.79
C VAL A 111 5.21 1.15 -9.53
N VAL A 112 5.75 -0.06 -9.53
CA VAL A 112 5.65 -0.94 -8.37
C VAL A 112 7.01 -1.51 -8.00
N GLN A 113 7.44 -1.22 -6.77
CA GLN A 113 8.72 -1.72 -6.23
C GLN A 113 8.54 -2.08 -4.76
N ARG A 114 9.13 -3.18 -4.33
CA ARG A 114 9.05 -3.57 -2.92
C ARG A 114 9.88 -2.63 -2.05
N SER A 115 9.28 -2.17 -0.97
CA SER A 115 9.95 -1.27 -0.04
C SER A 115 10.83 -2.08 0.90
N ILE A 116 11.82 -1.43 1.48
CA ILE A 116 12.79 -2.10 2.31
C ILE A 116 12.66 -1.69 3.78
N PRO A 117 12.36 -2.65 4.66
CA PRO A 117 12.27 -2.39 6.11
C PRO A 117 13.65 -2.37 6.75
N GLY A 118 14.48 -1.43 6.30
CA GLY A 118 15.86 -1.38 6.75
C GLY A 118 16.73 -2.32 5.95
N GLY A 119 16.39 -3.60 6.01
CA GLY A 119 17.09 -4.59 5.23
C GLY A 119 16.12 -5.63 4.69
N LYS A 120 16.37 -6.11 3.48
CA LYS A 120 15.48 -7.08 2.86
C LYS A 120 16.29 -8.05 2.02
N ASN A 121 16.49 -9.25 2.53
CA ASN A 121 17.24 -10.28 1.83
C ASN A 121 16.45 -11.57 1.79
N ALA A 122 15.79 -11.88 2.89
CA ALA A 122 14.97 -13.08 2.99
C ALA A 122 13.55 -12.77 2.54
N SER A 1 15.93 -6.87 7.14
CA SER A 1 16.52 -5.60 7.61
C SER A 1 15.61 -4.41 7.26
N ILE A 2 14.32 -4.53 7.54
CA ILE A 2 13.38 -3.47 7.23
C ILE A 2 12.71 -2.94 8.50
N SER A 3 13.04 -3.55 9.64
CA SER A 3 12.57 -3.05 10.92
C SER A 3 13.42 -1.85 11.34
N VAL A 4 13.34 -0.80 10.54
CA VAL A 4 14.19 0.37 10.73
C VAL A 4 13.35 1.63 10.84
N SER A 5 14.02 2.76 11.03
CA SER A 5 13.35 4.04 11.10
C SER A 5 13.97 5.00 10.09
N ALA A 6 13.49 4.92 8.86
CA ALA A 6 14.04 5.69 7.74
C ALA A 6 14.08 7.19 8.02
N MET A 7 15.29 7.69 8.25
CA MET A 7 15.54 9.13 8.46
C MET A 7 14.85 9.66 9.72
N GLU A 8 14.41 8.75 10.57
CA GLU A 8 13.73 9.11 11.81
C GLU A 8 14.13 8.14 12.92
N SER A 9 15.44 7.94 13.06
CA SER A 9 15.96 6.94 13.99
C SER A 9 16.14 7.51 15.39
N TYR A 10 16.11 8.82 15.51
CA TYR A 10 16.30 9.47 16.80
C TYR A 10 14.94 9.85 17.39
N ARG A 11 14.07 10.34 16.53
CA ARG A 11 12.72 10.75 16.93
C ARG A 11 11.84 10.88 15.70
N SER A 12 10.79 11.69 15.80
CA SER A 12 9.86 11.93 14.70
C SER A 12 8.99 10.69 14.46
N PHE A 13 8.62 10.03 15.54
CA PHE A 13 7.73 8.88 15.45
C PHE A 13 6.34 9.34 15.03
N ARG A 14 5.70 8.57 14.16
CA ARG A 14 4.39 8.92 13.65
C ARG A 14 3.32 8.49 14.62
N VAL A 15 3.37 9.11 15.78
CA VAL A 15 2.44 8.85 16.86
C VAL A 15 1.07 9.49 16.56
N PRO A 16 0.00 9.01 17.22
CA PRO A 16 -1.35 9.52 16.98
C PRO A 16 -1.48 10.97 17.40
N ALA A 17 -2.40 11.69 16.73
CA ALA A 17 -2.54 13.13 16.89
C ALA A 17 -1.28 13.84 16.42
N ILE A 18 -1.16 13.94 15.11
CA ILE A 18 0.03 14.52 14.51
C ILE A 18 0.04 16.03 14.70
N ASN A 19 0.51 16.43 15.87
CA ASN A 19 0.67 17.83 16.21
C ASN A 19 1.80 17.98 17.19
N VAL A 20 2.21 19.21 17.45
CA VAL A 20 3.30 19.48 18.36
C VAL A 20 2.76 20.03 19.68
N ALA A 21 1.75 19.34 20.21
CA ALA A 21 1.14 19.75 21.46
C ALA A 21 1.63 18.88 22.62
N GLN A 22 2.37 17.83 22.25
CA GLN A 22 2.95 16.91 23.22
C GLN A 22 1.86 16.26 24.07
N GLN A 23 0.69 16.08 23.46
CA GLN A 23 -0.47 15.55 24.16
C GLN A 23 -0.31 14.04 24.35
N PRO A 24 -0.76 13.52 25.50
CA PRO A 24 -0.63 12.11 25.84
C PRO A 24 -1.44 11.20 24.93
N ALA A 25 -0.82 10.76 23.85
CA ALA A 25 -1.46 9.85 22.91
C ALA A 25 -0.65 8.57 22.80
N VAL A 26 -1.18 7.50 23.38
CA VAL A 26 -0.46 6.23 23.42
C VAL A 26 -0.78 5.36 22.20
N THR A 27 -0.03 4.27 22.07
CA THR A 27 -0.13 3.34 20.94
C THR A 27 -0.04 4.06 19.58
N LEU A 28 -0.26 3.33 18.51
CA LEU A 28 -0.27 3.90 17.18
C LEU A 28 -1.67 3.86 16.60
N PRO A 29 -2.07 4.91 15.87
CA PRO A 29 -3.43 5.03 15.34
C PRO A 29 -3.69 4.11 14.16
N VAL A 30 -4.89 3.55 14.11
CA VAL A 30 -5.31 2.79 12.94
C VAL A 30 -5.65 3.78 11.82
N THR A 31 -4.74 3.92 10.88
CA THR A 31 -4.88 4.92 9.84
C THR A 31 -4.17 4.45 8.57
N THR A 32 -3.99 5.36 7.63
CA THR A 32 -3.34 5.04 6.37
C THR A 32 -1.88 4.63 6.57
N ILE A 33 -1.23 5.26 7.54
CA ILE A 33 0.19 5.02 7.81
C ILE A 33 0.47 3.53 8.04
N VAL A 34 1.05 2.89 7.02
CA VAL A 34 1.41 1.49 7.08
C VAL A 34 2.66 1.30 7.94
N PRO A 35 2.62 0.34 8.88
CA PRO A 35 3.78 -0.01 9.69
C PRO A 35 4.90 -0.62 8.85
N ASP A 36 6.07 -0.76 9.44
CA ASP A 36 7.23 -1.28 8.72
C ASP A 36 7.18 -2.79 8.64
N SER A 37 6.21 -3.28 7.90
CA SER A 37 6.02 -4.70 7.70
C SER A 37 6.89 -5.19 6.55
N PRO A 38 7.31 -6.47 6.57
CA PRO A 38 8.11 -7.07 5.50
C PRO A 38 7.32 -7.30 4.22
N ASN A 39 6.06 -6.88 4.22
CA ASN A 39 5.20 -7.00 3.06
C ASN A 39 4.83 -5.65 2.49
N LYS A 40 5.61 -4.62 2.83
CA LYS A 40 5.34 -3.28 2.37
C LYS A 40 5.83 -3.09 0.94
N ILE A 41 4.91 -2.68 0.07
CA ILE A 41 5.24 -2.48 -1.33
C ILE A 41 5.01 -1.02 -1.70
N TYR A 42 5.93 -0.49 -2.48
CA TYR A 42 5.91 0.91 -2.87
C TYR A 42 5.23 1.10 -4.21
N VAL A 43 4.43 2.15 -4.31
CA VAL A 43 3.84 2.54 -5.57
C VAL A 43 4.17 4.00 -5.85
N GLY A 44 4.72 4.26 -7.02
CA GLY A 44 5.13 5.60 -7.33
C GLY A 44 4.60 6.09 -8.66
N GLY A 45 3.32 6.38 -8.69
CA GLY A 45 2.71 6.96 -9.86
C GLY A 45 1.25 7.27 -9.63
N LEU A 46 0.96 7.87 -8.48
CA LEU A 46 -0.41 8.17 -8.11
C LEU A 46 -0.80 9.57 -8.53
N PRO A 47 -1.97 9.71 -9.16
CA PRO A 47 -2.55 11.02 -9.44
C PRO A 47 -2.84 11.78 -8.16
N THR A 48 -2.48 13.05 -8.17
CA THR A 48 -2.61 13.93 -7.01
C THR A 48 -4.02 13.95 -6.43
N CYS A 49 -5.02 13.81 -7.28
CA CYS A 49 -6.42 13.87 -6.84
C CYS A 49 -7.05 12.47 -6.80
N LEU A 50 -6.22 11.44 -6.87
CA LEU A 50 -6.70 10.07 -6.82
C LEU A 50 -7.17 9.72 -5.40
N ASN A 51 -8.26 8.98 -5.29
CA ASN A 51 -8.81 8.62 -3.99
C ASN A 51 -8.41 7.21 -3.62
N GLN A 52 -8.33 6.96 -2.32
CA GLN A 52 -7.98 5.63 -1.80
C GLN A 52 -8.98 4.58 -2.28
N ASP A 53 -10.21 5.00 -2.49
CA ASP A 53 -11.26 4.10 -2.92
C ASP A 53 -11.02 3.65 -4.35
N GLN A 54 -10.53 4.56 -5.16
CA GLN A 54 -10.27 4.28 -6.55
C GLN A 54 -8.87 3.66 -6.72
N VAL A 55 -7.96 4.04 -5.84
CA VAL A 55 -6.58 3.62 -5.93
C VAL A 55 -6.43 2.13 -5.67
N LYS A 56 -7.24 1.60 -4.76
CA LYS A 56 -7.13 0.21 -4.37
C LYS A 56 -7.62 -0.70 -5.49
N GLU A 57 -8.50 -0.20 -6.34
CA GLU A 57 -8.99 -0.97 -7.47
C GLU A 57 -7.85 -1.36 -8.39
N LEU A 58 -6.86 -0.49 -8.47
CA LEU A 58 -5.66 -0.76 -9.25
C LEU A 58 -4.66 -1.56 -8.43
N LEU A 59 -4.50 -1.18 -7.17
CA LEU A 59 -3.47 -1.77 -6.31
C LEU A 59 -3.85 -3.18 -5.86
N GLN A 60 -5.13 -3.42 -5.69
CA GLN A 60 -5.61 -4.73 -5.25
C GLN A 60 -6.19 -5.50 -6.43
N SER A 61 -5.89 -5.02 -7.63
CA SER A 61 -6.38 -5.65 -8.85
C SER A 61 -5.97 -7.13 -8.90
N PHE A 62 -4.86 -7.45 -8.23
CA PHE A 62 -4.42 -8.82 -8.13
C PHE A 62 -4.78 -9.43 -6.77
N GLY A 63 -4.34 -8.78 -5.70
CA GLY A 63 -4.54 -9.33 -4.37
C GLY A 63 -5.49 -8.51 -3.54
N GLU A 64 -5.25 -8.48 -2.25
CA GLU A 64 -6.08 -7.70 -1.34
C GLU A 64 -5.19 -6.90 -0.39
N LEU A 65 -5.48 -5.62 -0.27
CA LEU A 65 -4.70 -4.74 0.57
C LEU A 65 -5.18 -4.83 2.01
N LYS A 66 -4.24 -4.77 2.94
CA LYS A 66 -4.57 -4.70 4.35
C LYS A 66 -4.44 -3.26 4.82
N GLY A 67 -3.75 -2.46 4.01
CA GLY A 67 -3.59 -1.05 4.30
C GLY A 67 -2.60 -0.40 3.35
N LEU A 68 -2.79 0.89 3.10
CA LEU A 68 -1.90 1.63 2.23
C LEU A 68 -1.84 3.09 2.66
N ASN A 69 -0.64 3.65 2.63
CA ASN A 69 -0.43 5.01 3.10
C ASN A 69 -0.31 5.97 1.93
N LEU A 70 -1.42 6.60 1.56
CA LEU A 70 -1.39 7.68 0.58
C LEU A 70 -1.02 8.97 1.29
N VAL A 71 0.18 9.46 1.03
CA VAL A 71 0.63 10.69 1.66
C VAL A 71 -0.02 11.91 1.00
N MET A 72 -0.94 12.52 1.70
CA MET A 72 -1.64 13.68 1.19
C MET A 72 -1.03 14.96 1.76
N ASP A 73 -0.74 15.90 0.87
CA ASP A 73 -0.26 17.21 1.27
C ASP A 73 -1.43 18.00 1.82
N THR A 74 -1.34 18.38 3.09
CA THR A 74 -2.47 18.99 3.78
C THR A 74 -2.66 20.45 3.34
N ASN A 75 -1.72 20.96 2.56
CA ASN A 75 -1.80 22.34 2.09
C ASN A 75 -2.64 22.41 0.82
N THR A 76 -2.31 21.59 -0.17
CA THR A 76 -3.01 21.60 -1.44
C THR A 76 -4.07 20.49 -1.51
N ASN A 77 -4.15 19.69 -0.45
CA ASN A 77 -5.17 18.64 -0.33
C ASN A 77 -4.99 17.58 -1.42
N LEU A 78 -3.75 17.34 -1.79
CA LEU A 78 -3.44 16.42 -2.88
C LEU A 78 -2.38 15.42 -2.48
N ASN A 79 -2.47 14.22 -3.03
CA ASN A 79 -1.49 13.18 -2.74
C ASN A 79 -0.20 13.44 -3.49
N LYS A 80 0.91 13.16 -2.82
CA LYS A 80 2.23 13.49 -3.37
C LYS A 80 2.61 12.59 -4.54
N GLY A 81 1.78 11.59 -4.81
CA GLY A 81 1.97 10.77 -6.00
C GLY A 81 2.70 9.48 -5.73
N PHE A 82 2.98 9.19 -4.47
CA PHE A 82 3.64 7.96 -4.09
C PHE A 82 3.06 7.43 -2.79
N ALA A 83 3.07 6.12 -2.63
CA ALA A 83 2.50 5.49 -1.45
C ALA A 83 3.13 4.14 -1.18
N PHE A 84 2.70 3.53 -0.08
CA PHE A 84 3.16 2.21 0.32
C PHE A 84 1.96 1.39 0.77
N PHE A 85 1.83 0.17 0.27
CA PHE A 85 0.73 -0.69 0.66
C PHE A 85 1.23 -2.04 1.15
N GLU A 86 0.47 -2.63 2.06
CA GLU A 86 0.78 -3.95 2.58
C GLU A 86 -0.31 -4.92 2.17
N TYR A 87 0.07 -5.96 1.44
CA TYR A 87 -0.88 -6.99 1.04
C TYR A 87 -1.27 -7.86 2.23
N CYS A 88 -2.51 -8.33 2.23
CA CYS A 88 -3.00 -9.18 3.32
C CYS A 88 -2.27 -10.51 3.32
N ASP A 89 -2.64 -11.42 2.43
CA ASP A 89 -1.97 -12.71 2.32
C ASP A 89 -2.23 -13.35 0.94
N PRO A 90 -1.86 -12.65 -0.14
CA PRO A 90 -2.04 -13.13 -1.50
C PRO A 90 -0.75 -13.71 -2.10
N SER A 91 -0.88 -14.82 -2.82
CA SER A 91 0.24 -15.43 -3.50
C SER A 91 0.54 -14.68 -4.79
N VAL A 92 -0.38 -13.79 -5.14
CA VAL A 92 -0.24 -12.98 -6.35
C VAL A 92 0.64 -11.76 -6.11
N THR A 93 0.99 -11.50 -4.85
CA THR A 93 1.84 -10.35 -4.47
C THR A 93 3.01 -10.17 -5.45
N ASP A 94 3.79 -11.22 -5.65
CA ASP A 94 4.97 -11.15 -6.53
C ASP A 94 4.59 -10.84 -7.96
N HIS A 95 3.41 -11.30 -8.36
CA HIS A 95 2.93 -11.12 -9.73
C HIS A 95 2.32 -9.73 -9.89
N ALA A 96 1.73 -9.23 -8.82
CA ALA A 96 1.14 -7.90 -8.81
C ALA A 96 2.21 -6.84 -9.01
N ILE A 97 3.32 -7.04 -8.34
CA ILE A 97 4.46 -6.12 -8.43
C ILE A 97 5.03 -6.12 -9.85
N ALA A 98 4.82 -7.21 -10.57
CA ALA A 98 5.28 -7.33 -11.94
C ALA A 98 4.25 -6.77 -12.92
N GLY A 99 2.99 -7.11 -12.70
CA GLY A 99 1.94 -6.71 -13.62
C GLY A 99 1.47 -5.30 -13.41
N LEU A 100 1.34 -4.90 -12.15
CA LEU A 100 0.86 -3.56 -11.83
C LEU A 100 2.00 -2.57 -11.84
N HIS A 101 3.22 -3.09 -12.07
CA HIS A 101 4.45 -2.29 -12.09
C HIS A 101 4.34 -1.09 -13.04
N GLY A 102 3.38 -1.14 -13.94
CA GLY A 102 3.13 -0.01 -14.83
C GLY A 102 1.70 0.03 -15.28
N MET A 103 0.78 -0.22 -14.36
CA MET A 103 -0.64 -0.31 -14.69
C MET A 103 -1.45 0.82 -14.06
N LEU A 104 -1.89 1.74 -14.90
CA LEU A 104 -2.81 2.78 -14.47
C LEU A 104 -3.81 2.99 -15.60
N LEU A 105 -5.06 3.23 -15.24
CA LEU A 105 -6.14 3.33 -16.20
C LEU A 105 -5.97 4.54 -17.11
N GLY A 106 -6.15 4.32 -18.41
CA GLY A 106 -6.00 5.39 -19.36
C GLY A 106 -4.61 5.44 -19.97
N ASP A 107 -4.05 6.63 -20.06
CA ASP A 107 -2.74 6.82 -20.69
C ASP A 107 -1.66 7.09 -19.67
N ARG A 108 -1.91 6.67 -18.44
CA ARG A 108 -0.95 6.85 -17.36
C ARG A 108 -0.43 5.51 -16.86
N ARG A 109 0.56 5.56 -16.00
CA ARG A 109 1.15 4.35 -15.44
C ARG A 109 1.71 4.65 -14.05
N LEU A 110 1.60 3.67 -13.17
CA LEU A 110 2.16 3.79 -11.83
C LEU A 110 3.20 2.70 -11.60
N VAL A 111 4.23 3.01 -10.83
CA VAL A 111 5.30 2.06 -10.60
C VAL A 111 5.02 1.25 -9.33
N VAL A 112 5.39 -0.02 -9.35
CA VAL A 112 5.24 -0.88 -8.19
C VAL A 112 6.56 -1.59 -7.90
N GLN A 113 7.12 -1.33 -6.72
CA GLN A 113 8.40 -1.89 -6.31
C GLN A 113 8.38 -2.19 -4.81
N ARG A 114 8.94 -3.32 -4.42
CA ARG A 114 8.99 -3.68 -3.01
C ARG A 114 10.01 -2.82 -2.28
N SER A 115 9.61 -2.24 -1.15
CA SER A 115 10.50 -1.42 -0.35
C SER A 115 11.38 -2.32 0.52
N ILE A 116 10.86 -3.51 0.81
CA ILE A 116 11.60 -4.51 1.52
C ILE A 116 12.64 -5.15 0.61
N PRO A 117 13.58 -5.93 1.18
CA PRO A 117 14.79 -6.34 0.48
C PRO A 117 14.58 -7.59 -0.38
N GLY A 118 13.61 -7.50 -1.29
CA GLY A 118 13.34 -8.61 -2.18
C GLY A 118 12.78 -9.81 -1.45
N GLY A 119 13.42 -10.95 -1.63
CA GLY A 119 12.97 -12.15 -0.98
C GLY A 119 12.30 -13.11 -1.93
N LYS A 120 11.65 -14.13 -1.37
CA LYS A 120 11.00 -15.17 -2.16
C LYS A 120 12.02 -15.96 -2.96
N ASN A 121 11.55 -16.91 -3.76
CA ASN A 121 12.41 -17.76 -4.61
C ASN A 121 13.26 -18.70 -3.76
N ALA A 122 14.28 -18.16 -3.12
CA ALA A 122 15.19 -18.94 -2.29
C ALA A 122 15.67 -18.09 -1.13
N SER A 1 12.89 -8.15 6.13
CA SER A 1 12.15 -9.38 6.47
C SER A 1 11.56 -10.04 5.22
N ILE A 2 12.43 -10.55 4.36
CA ILE A 2 12.01 -11.27 3.17
C ILE A 2 12.60 -12.67 3.14
N SER A 3 11.89 -13.60 3.78
CA SER A 3 12.23 -15.02 3.75
C SER A 3 13.43 -15.34 4.66
N VAL A 4 14.56 -14.67 4.41
CA VAL A 4 15.77 -14.90 5.19
C VAL A 4 15.56 -14.53 6.65
N SER A 5 14.64 -13.59 6.89
CA SER A 5 14.26 -13.22 8.23
C SER A 5 12.76 -12.95 8.25
N ALA A 6 11.98 -14.00 8.10
CA ALA A 6 10.54 -13.90 8.04
C ALA A 6 9.96 -13.74 9.45
N MET A 7 9.72 -12.50 9.84
CA MET A 7 9.16 -12.22 11.16
C MET A 7 7.65 -12.42 11.14
N GLU A 8 7.23 -13.61 11.54
CA GLU A 8 5.83 -13.97 11.56
C GLU A 8 5.16 -13.41 12.80
N SER A 9 4.66 -12.18 12.69
CA SER A 9 4.00 -11.52 13.80
C SER A 9 2.76 -12.32 14.21
N TYR A 10 1.97 -12.68 13.21
CA TYR A 10 0.76 -13.48 13.38
C TYR A 10 -0.19 -12.83 14.38
N ARG A 11 -1.13 -12.06 13.86
CA ARG A 11 -2.09 -11.36 14.71
C ARG A 11 -3.01 -12.37 15.38
N SER A 12 -3.49 -12.00 16.55
CA SER A 12 -4.38 -12.83 17.32
C SER A 12 -5.75 -12.94 16.63
N PHE A 13 -6.61 -13.78 17.20
CA PHE A 13 -7.94 -14.01 16.66
C PHE A 13 -8.88 -12.88 17.04
N ARG A 14 -8.31 -11.82 17.57
CA ARG A 14 -9.05 -10.59 17.83
C ARG A 14 -8.64 -9.55 16.81
N VAL A 15 -9.61 -8.97 16.17
CA VAL A 15 -9.37 -7.93 15.17
C VAL A 15 -10.37 -6.80 15.36
N PRO A 16 -10.19 -5.68 14.62
CA PRO A 16 -11.22 -4.63 14.46
C PRO A 16 -12.65 -5.13 14.23
N ALA A 17 -13.55 -4.18 13.99
CA ALA A 17 -14.95 -4.43 13.65
C ALA A 17 -15.74 -4.94 14.84
N ILE A 18 -15.36 -4.47 16.00
CA ILE A 18 -16.10 -4.74 17.23
C ILE A 18 -16.48 -3.40 17.87
N ASN A 19 -16.59 -2.39 17.01
CA ASN A 19 -16.96 -1.02 17.39
C ASN A 19 -15.80 -0.34 18.11
N VAL A 20 -15.86 0.98 18.20
CA VAL A 20 -14.83 1.75 18.88
C VAL A 20 -15.11 1.77 20.38
N ALA A 21 -15.12 0.59 20.97
CA ALA A 21 -15.38 0.44 22.38
C ALA A 21 -14.09 0.49 23.17
N GLN A 22 -14.18 0.96 24.41
CA GLN A 22 -13.01 1.02 25.28
C GLN A 22 -12.94 -0.23 26.15
N GLN A 23 -13.63 -1.25 25.68
CA GLN A 23 -13.64 -2.55 26.34
C GLN A 23 -12.46 -3.38 25.86
N PRO A 24 -12.08 -4.43 26.61
CA PRO A 24 -11.01 -5.35 26.20
C PRO A 24 -11.39 -6.23 25.01
N ALA A 25 -10.43 -7.02 24.55
CA ALA A 25 -10.65 -7.99 23.47
C ALA A 25 -11.17 -7.34 22.20
N VAL A 26 -10.33 -6.52 21.59
CA VAL A 26 -10.67 -5.80 20.38
C VAL A 26 -9.43 -5.13 19.80
N THR A 27 -9.28 -5.19 18.48
CA THR A 27 -8.13 -4.58 17.84
C THR A 27 -8.63 -3.53 16.86
N LEU A 28 -7.71 -2.85 16.21
CA LEU A 28 -8.05 -1.78 15.30
C LEU A 28 -7.54 -2.08 13.91
N PRO A 29 -8.17 -1.49 12.89
CA PRO A 29 -7.77 -1.66 11.50
C PRO A 29 -6.68 -0.67 11.12
N VAL A 30 -5.60 -1.18 10.54
CA VAL A 30 -4.48 -0.33 10.15
C VAL A 30 -4.96 0.76 9.20
N THR A 31 -4.79 2.02 9.63
CA THR A 31 -5.25 3.17 8.88
C THR A 31 -4.30 3.48 7.73
N THR A 32 -4.33 4.71 7.24
CA THR A 32 -3.47 5.15 6.15
C THR A 32 -2.03 5.36 6.63
N ILE A 33 -1.56 4.41 7.43
CA ILE A 33 -0.19 4.42 7.95
C ILE A 33 0.35 2.99 7.96
N VAL A 34 1.13 2.65 6.94
CA VAL A 34 1.65 1.29 6.79
C VAL A 34 2.86 1.05 7.70
N PRO A 35 2.78 0.02 8.57
CA PRO A 35 3.88 -0.36 9.44
C PRO A 35 5.03 -1.01 8.67
N ASP A 36 6.06 -1.42 9.40
CA ASP A 36 7.25 -2.01 8.80
C ASP A 36 7.04 -3.49 8.51
N SER A 37 5.96 -3.80 7.80
CA SER A 37 5.62 -5.17 7.48
C SER A 37 6.42 -5.68 6.29
N PRO A 38 6.61 -7.00 6.18
CA PRO A 38 7.32 -7.61 5.06
C PRO A 38 6.57 -7.42 3.74
N ASN A 39 5.25 -7.31 3.84
CA ASN A 39 4.39 -7.23 2.66
C ASN A 39 4.13 -5.80 2.24
N LYS A 40 4.93 -4.86 2.73
CA LYS A 40 4.76 -3.46 2.35
C LYS A 40 5.42 -3.22 0.99
N ILE A 41 4.66 -2.66 0.08
CA ILE A 41 5.11 -2.45 -1.30
C ILE A 41 4.98 -0.98 -1.68
N TYR A 42 5.91 -0.53 -2.50
CA TYR A 42 6.02 0.88 -2.85
C TYR A 42 5.29 1.19 -4.16
N VAL A 43 4.59 2.33 -4.17
CA VAL A 43 3.89 2.81 -5.34
C VAL A 43 4.42 4.18 -5.75
N GLY A 44 4.84 4.33 -7.00
CA GLY A 44 5.34 5.62 -7.46
C GLY A 44 4.75 6.04 -8.79
N GLY A 45 3.71 6.85 -8.74
CA GLY A 45 3.09 7.35 -9.94
C GLY A 45 1.59 7.51 -9.78
N LEU A 46 1.20 8.25 -8.76
CA LEU A 46 -0.20 8.44 -8.44
C LEU A 46 -0.64 9.88 -8.74
N PRO A 47 -1.83 10.05 -9.30
CA PRO A 47 -2.45 11.37 -9.46
C PRO A 47 -2.64 12.05 -8.11
N THR A 48 -2.40 13.35 -8.06
CA THR A 48 -2.47 14.11 -6.82
C THR A 48 -3.90 14.14 -6.24
N CYS A 49 -4.88 14.01 -7.13
CA CYS A 49 -6.28 14.03 -6.73
C CYS A 49 -6.81 12.61 -6.55
N LEU A 50 -5.92 11.65 -6.72
CA LEU A 50 -6.24 10.23 -6.56
C LEU A 50 -6.13 9.85 -5.09
N ASN A 51 -7.07 9.05 -4.61
CA ASN A 51 -7.06 8.65 -3.21
C ASN A 51 -7.22 7.14 -3.06
N GLN A 52 -7.25 6.68 -1.81
CA GLN A 52 -7.33 5.25 -1.50
C GLN A 52 -8.51 4.59 -2.20
N ASP A 53 -9.60 5.35 -2.33
CA ASP A 53 -10.85 4.81 -2.86
C ASP A 53 -10.67 4.32 -4.29
N GLN A 54 -10.05 5.13 -5.12
CA GLN A 54 -9.83 4.77 -6.52
C GLN A 54 -8.55 3.94 -6.66
N VAL A 55 -7.54 4.29 -5.87
CA VAL A 55 -6.26 3.59 -5.93
C VAL A 55 -6.39 2.10 -5.64
N LYS A 56 -7.27 1.75 -4.69
CA LYS A 56 -7.38 0.36 -4.25
C LYS A 56 -7.97 -0.52 -5.33
N GLU A 57 -8.81 0.08 -6.18
CA GLU A 57 -9.45 -0.67 -7.25
C GLU A 57 -8.40 -1.19 -8.24
N LEU A 58 -7.32 -0.43 -8.38
CA LEU A 58 -6.21 -0.85 -9.21
C LEU A 58 -5.25 -1.73 -8.42
N LEU A 59 -4.97 -1.33 -7.18
CA LEU A 59 -3.96 -2.01 -6.37
C LEU A 59 -4.44 -3.38 -5.90
N GLN A 60 -5.73 -3.52 -5.65
CA GLN A 60 -6.28 -4.78 -5.17
C GLN A 60 -6.77 -5.64 -6.32
N SER A 61 -6.57 -5.15 -7.54
CA SER A 61 -6.96 -5.88 -8.75
C SER A 61 -6.23 -7.21 -8.83
N PHE A 62 -5.12 -7.31 -8.11
CA PHE A 62 -4.36 -8.56 -8.03
C PHE A 62 -4.67 -9.31 -6.75
N GLY A 63 -4.59 -8.60 -5.62
CA GLY A 63 -4.85 -9.18 -4.33
C GLY A 63 -5.42 -8.15 -3.40
N GLU A 64 -6.02 -8.58 -2.32
CA GLU A 64 -6.72 -7.66 -1.43
C GLU A 64 -5.73 -6.85 -0.60
N LEU A 65 -6.01 -5.56 -0.50
CA LEU A 65 -5.16 -4.66 0.26
C LEU A 65 -5.48 -4.75 1.74
N LYS A 66 -4.43 -4.77 2.54
CA LYS A 66 -4.57 -4.79 3.99
C LYS A 66 -4.48 -3.37 4.52
N GLY A 67 -3.91 -2.48 3.71
CA GLY A 67 -3.78 -1.09 4.10
C GLY A 67 -2.77 -0.38 3.25
N LEU A 68 -2.79 0.95 3.26
CA LEU A 68 -1.83 1.73 2.50
C LEU A 68 -1.69 3.11 3.10
N ASN A 69 -0.53 3.73 2.90
CA ASN A 69 -0.31 5.08 3.40
C ASN A 69 0.03 6.02 2.26
N LEU A 70 -1.00 6.70 1.75
CA LEU A 70 -0.80 7.72 0.74
C LEU A 70 -0.27 8.98 1.41
N VAL A 71 0.79 9.55 0.87
CA VAL A 71 1.35 10.76 1.45
C VAL A 71 0.48 11.95 1.10
N MET A 72 -0.38 12.32 2.04
CA MET A 72 -1.27 13.45 1.85
C MET A 72 -0.56 14.74 2.26
N ASP A 73 0.15 15.31 1.31
CA ASP A 73 0.90 16.53 1.53
C ASP A 73 -0.01 17.68 1.97
N THR A 74 0.28 18.20 3.15
CA THR A 74 -0.54 19.25 3.74
C THR A 74 -0.28 20.60 3.05
N ASN A 75 0.77 20.67 2.26
CA ASN A 75 1.12 21.91 1.57
C ASN A 75 0.16 22.17 0.42
N THR A 76 0.09 21.23 -0.51
CA THR A 76 -0.80 21.37 -1.65
C THR A 76 -2.15 20.73 -1.37
N ASN A 77 -2.27 20.12 -0.19
CA ASN A 77 -3.51 19.46 0.26
C ASN A 77 -3.83 18.26 -0.62
N LEU A 78 -2.81 17.71 -1.26
CA LEU A 78 -2.99 16.62 -2.21
C LEU A 78 -1.95 15.54 -1.98
N ASN A 79 -2.14 14.39 -2.60
CA ASN A 79 -1.20 13.28 -2.46
C ASN A 79 -0.01 13.50 -3.38
N LYS A 80 1.18 13.25 -2.84
CA LYS A 80 2.43 13.56 -3.56
C LYS A 80 2.61 12.71 -4.80
N GLY A 81 1.86 11.63 -4.90
CA GLY A 81 1.93 10.79 -6.09
C GLY A 81 2.70 9.51 -5.86
N PHE A 82 2.98 9.21 -4.61
CA PHE A 82 3.65 7.98 -4.25
C PHE A 82 3.21 7.53 -2.87
N ALA A 83 3.31 6.24 -2.61
CA ALA A 83 2.86 5.68 -1.35
C ALA A 83 3.35 4.25 -1.17
N PHE A 84 2.83 3.60 -0.15
CA PHE A 84 3.13 2.20 0.12
C PHE A 84 1.83 1.49 0.50
N PHE A 85 1.66 0.27 0.03
CA PHE A 85 0.52 -0.54 0.44
C PHE A 85 0.99 -1.87 0.98
N GLU A 86 0.18 -2.46 1.82
CA GLU A 86 0.49 -3.74 2.41
C GLU A 86 -0.56 -4.75 1.96
N TYR A 87 -0.12 -5.86 1.39
CA TYR A 87 -1.03 -6.91 0.98
C TYR A 87 -1.44 -7.75 2.18
N CYS A 88 -2.67 -8.25 2.17
CA CYS A 88 -3.19 -9.02 3.29
C CYS A 88 -2.60 -10.42 3.30
N ASP A 89 -3.04 -11.27 2.39
CA ASP A 89 -2.55 -12.65 2.33
C ASP A 89 -2.61 -13.22 0.90
N PRO A 90 -2.22 -12.46 -0.14
CA PRO A 90 -2.32 -12.89 -1.51
C PRO A 90 -1.01 -13.51 -2.04
N SER A 91 -1.12 -14.69 -2.61
CA SER A 91 0.04 -15.37 -3.18
C SER A 91 0.41 -14.77 -4.54
N VAL A 92 -0.39 -13.80 -4.96
CA VAL A 92 -0.15 -13.09 -6.21
C VAL A 92 0.80 -11.90 -6.01
N THR A 93 1.11 -11.59 -4.74
CA THR A 93 1.95 -10.44 -4.37
C THR A 93 3.15 -10.23 -5.32
N ASP A 94 3.92 -11.27 -5.58
CA ASP A 94 5.13 -11.13 -6.39
C ASP A 94 4.80 -10.88 -7.86
N HIS A 95 3.66 -11.39 -8.31
CA HIS A 95 3.21 -11.15 -9.67
C HIS A 95 2.51 -9.80 -9.78
N ALA A 96 1.95 -9.34 -8.68
CA ALA A 96 1.30 -8.03 -8.63
C ALA A 96 2.30 -6.93 -8.90
N ILE A 97 3.48 -7.07 -8.30
CA ILE A 97 4.59 -6.14 -8.51
C ILE A 97 4.96 -6.06 -9.99
N ALA A 98 4.70 -7.14 -10.73
CA ALA A 98 5.01 -7.19 -12.15
C ALA A 98 3.84 -6.64 -12.98
N GLY A 99 2.63 -7.10 -12.68
CA GLY A 99 1.47 -6.69 -13.46
C GLY A 99 1.09 -5.24 -13.22
N LEU A 100 0.94 -4.87 -11.95
CA LEU A 100 0.53 -3.51 -11.60
C LEU A 100 1.69 -2.53 -11.69
N HIS A 101 2.87 -3.05 -12.03
CA HIS A 101 4.12 -2.27 -12.05
C HIS A 101 3.99 -0.95 -12.82
N GLY A 102 3.01 -0.85 -13.71
CA GLY A 102 2.77 0.39 -14.40
C GLY A 102 1.32 0.54 -14.81
N MET A 103 0.40 0.24 -13.90
CA MET A 103 -1.02 0.23 -14.22
C MET A 103 -1.76 1.37 -13.53
N LEU A 104 -2.01 2.43 -14.28
CA LEU A 104 -2.80 3.55 -13.81
C LEU A 104 -3.73 3.98 -14.93
N LEU A 105 -4.94 4.41 -14.58
CA LEU A 105 -5.94 4.76 -15.57
C LEU A 105 -5.61 6.12 -16.20
N GLY A 106 -5.86 6.23 -17.48
CA GLY A 106 -5.51 7.44 -18.21
C GLY A 106 -4.15 7.32 -18.87
N ASP A 107 -3.40 8.40 -18.88
CA ASP A 107 -2.09 8.42 -19.51
C ASP A 107 -0.98 8.31 -18.48
N ARG A 108 -1.37 8.14 -17.22
CA ARG A 108 -0.40 8.05 -16.14
C ARG A 108 -0.12 6.60 -15.80
N ARG A 109 0.89 6.37 -14.97
CA ARG A 109 1.26 5.02 -14.56
C ARG A 109 1.86 5.05 -13.16
N LEU A 110 1.46 4.10 -12.33
CA LEU A 110 2.06 3.96 -11.01
C LEU A 110 3.12 2.86 -11.04
N VAL A 111 4.27 3.14 -10.46
CA VAL A 111 5.31 2.14 -10.37
C VAL A 111 5.08 1.27 -9.14
N VAL A 112 5.35 -0.01 -9.25
CA VAL A 112 5.19 -0.91 -8.11
C VAL A 112 6.50 -1.61 -7.82
N GLN A 113 7.02 -1.39 -6.63
CA GLN A 113 8.28 -2.00 -6.23
C GLN A 113 8.20 -2.46 -4.80
N ARG A 114 8.62 -3.68 -4.55
CA ARG A 114 8.63 -4.23 -3.20
C ARG A 114 9.71 -3.55 -2.37
N SER A 115 9.30 -3.12 -1.18
CA SER A 115 10.15 -2.30 -0.32
C SER A 115 11.41 -3.05 0.12
N ILE A 116 11.31 -4.37 0.19
CA ILE A 116 12.46 -5.18 0.56
C ILE A 116 12.88 -6.06 -0.61
N PRO A 117 13.83 -5.57 -1.41
CA PRO A 117 14.35 -6.29 -2.57
C PRO A 117 15.63 -7.07 -2.24
N GLY A 118 15.61 -8.36 -2.53
CA GLY A 118 16.77 -9.19 -2.26
C GLY A 118 16.68 -10.53 -2.95
N GLY A 119 16.35 -10.52 -4.23
CA GLY A 119 16.23 -11.74 -4.97
C GLY A 119 16.90 -11.67 -6.33
N LYS A 120 17.30 -12.82 -6.86
CA LYS A 120 17.93 -12.87 -8.17
C LYS A 120 16.90 -12.65 -9.27
N ASN A 121 15.65 -12.98 -8.96
CA ASN A 121 14.55 -12.76 -9.87
C ASN A 121 13.31 -12.38 -9.09
N ALA A 122 12.66 -11.31 -9.50
CA ALA A 122 11.47 -10.84 -8.81
C ALA A 122 10.24 -10.99 -9.69
N SER A 1 9.99 -14.73 -5.10
CA SER A 1 8.80 -14.92 -4.25
C SER A 1 9.07 -14.43 -2.83
N ILE A 2 8.99 -13.12 -2.63
CA ILE A 2 9.24 -12.55 -1.30
C ILE A 2 8.15 -12.93 -0.30
N SER A 3 6.93 -13.12 -0.79
CA SER A 3 5.81 -13.47 0.07
C SER A 3 4.73 -14.19 -0.72
N VAL A 4 4.05 -15.12 -0.08
CA VAL A 4 3.00 -15.89 -0.72
C VAL A 4 1.68 -15.74 0.03
N SER A 5 1.73 -15.86 1.35
CA SER A 5 0.52 -15.75 2.16
C SER A 5 0.85 -15.17 3.54
N ALA A 6 0.57 -13.90 3.72
CA ALA A 6 0.79 -13.24 5.00
C ALA A 6 -0.38 -13.48 5.94
N MET A 7 -0.39 -14.66 6.58
CA MET A 7 -1.47 -15.04 7.49
C MET A 7 -2.81 -15.04 6.74
N GLU A 8 -3.89 -14.77 7.45
CA GLU A 8 -5.20 -14.63 6.83
C GLU A 8 -5.94 -13.45 7.43
N SER A 9 -7.07 -13.10 6.83
CA SER A 9 -7.95 -12.06 7.36
C SER A 9 -9.37 -12.29 6.85
N TYR A 10 -9.85 -13.51 7.01
CA TYR A 10 -11.16 -13.88 6.52
C TYR A 10 -12.01 -14.36 7.69
N ARG A 11 -13.09 -15.07 7.39
CA ARG A 11 -13.99 -15.64 8.40
C ARG A 11 -14.92 -14.59 8.98
N SER A 12 -14.46 -13.34 8.99
CA SER A 12 -15.28 -12.19 9.39
C SER A 12 -15.60 -12.23 10.89
N PHE A 13 -14.92 -13.10 11.63
CA PHE A 13 -15.14 -13.19 13.07
C PHE A 13 -14.22 -12.23 13.80
N ARG A 14 -13.06 -12.01 13.21
CA ARG A 14 -12.11 -11.06 13.72
C ARG A 14 -12.41 -9.67 13.17
N VAL A 15 -13.24 -8.94 13.89
CA VAL A 15 -13.61 -7.59 13.51
C VAL A 15 -12.76 -6.58 14.28
N PRO A 16 -12.59 -5.37 13.73
CA PRO A 16 -11.81 -4.32 14.39
C PRO A 16 -12.49 -3.82 15.66
N ALA A 17 -11.74 -3.09 16.47
CA ALA A 17 -12.27 -2.61 17.74
C ALA A 17 -11.61 -1.29 18.15
N ILE A 18 -12.38 -0.23 18.13
CA ILE A 18 -11.89 1.07 18.56
C ILE A 18 -11.94 1.17 20.08
N ASN A 19 -13.14 1.30 20.58
CA ASN A 19 -13.40 1.37 22.01
C ASN A 19 -14.89 1.60 22.27
N VAL A 20 -15.64 0.51 22.38
CA VAL A 20 -17.08 0.55 22.65
C VAL A 20 -17.78 1.49 21.67
N ALA A 21 -17.44 1.35 20.40
CA ALA A 21 -17.97 2.19 19.36
C ALA A 21 -18.34 1.35 18.14
N GLN A 22 -18.30 1.95 16.96
CA GLN A 22 -18.56 1.25 15.71
C GLN A 22 -20.02 0.85 15.56
N GLN A 23 -20.73 1.55 14.70
CA GLN A 23 -22.07 1.13 14.31
C GLN A 23 -21.95 -0.17 13.53
N PRO A 24 -22.73 -1.20 13.91
CA PRO A 24 -22.67 -2.54 13.31
C PRO A 24 -22.46 -2.54 11.80
N ALA A 25 -21.23 -2.82 11.39
CA ALA A 25 -20.86 -2.84 9.98
C ALA A 25 -19.66 -3.74 9.77
N VAL A 26 -19.66 -4.48 8.67
CA VAL A 26 -18.58 -5.40 8.38
C VAL A 26 -17.42 -4.68 7.71
N THR A 27 -16.47 -4.24 8.52
CA THR A 27 -15.28 -3.57 8.02
C THR A 27 -14.05 -4.16 8.69
N LEU A 28 -12.90 -3.92 8.11
CA LEU A 28 -11.63 -4.37 8.69
C LEU A 28 -10.83 -3.16 9.15
N PRO A 29 -9.91 -3.34 10.12
CA PRO A 29 -9.05 -2.27 10.62
C PRO A 29 -7.98 -1.87 9.63
N VAL A 30 -8.40 -1.40 8.46
CA VAL A 30 -7.48 -0.95 7.43
C VAL A 30 -6.83 0.37 7.84
N THR A 31 -5.51 0.36 7.93
CA THR A 31 -4.77 1.54 8.34
C THR A 31 -4.19 2.26 7.12
N THR A 32 -4.07 3.57 7.23
CA THR A 32 -3.51 4.38 6.15
C THR A 32 -2.04 4.68 6.44
N ILE A 33 -1.47 3.93 7.37
CA ILE A 33 -0.05 4.05 7.68
C ILE A 33 0.59 2.67 7.62
N VAL A 34 1.41 2.45 6.61
CA VAL A 34 2.11 1.18 6.46
C VAL A 34 3.53 1.31 7.01
N PRO A 35 3.82 0.59 8.11
CA PRO A 35 5.12 0.67 8.79
C PRO A 35 6.20 -0.14 8.07
N ASP A 36 7.26 -0.48 8.79
CA ASP A 36 8.35 -1.27 8.23
C ASP A 36 7.98 -2.75 8.18
N SER A 37 6.76 -3.04 7.75
CA SER A 37 6.27 -4.40 7.66
C SER A 37 6.87 -5.07 6.43
N PRO A 38 7.05 -6.41 6.48
CA PRO A 38 7.74 -7.15 5.42
C PRO A 38 6.89 -7.36 4.18
N ASN A 39 5.67 -6.84 4.19
CA ASN A 39 4.80 -6.98 3.03
C ASN A 39 4.52 -5.61 2.44
N LYS A 40 5.39 -4.66 2.76
CA LYS A 40 5.22 -3.29 2.31
C LYS A 40 5.65 -3.12 0.87
N ILE A 41 4.73 -2.64 0.06
CA ILE A 41 4.96 -2.41 -1.36
C ILE A 41 5.05 -0.92 -1.64
N TYR A 42 6.00 -0.55 -2.48
CA TYR A 42 6.17 0.84 -2.89
C TYR A 42 5.44 1.09 -4.19
N VAL A 43 4.76 2.22 -4.26
CA VAL A 43 4.06 2.63 -5.46
C VAL A 43 4.52 4.02 -5.87
N GLY A 44 4.99 4.18 -7.09
CA GLY A 44 5.48 5.47 -7.53
C GLY A 44 4.93 5.87 -8.88
N GLY A 45 4.08 6.87 -8.90
CA GLY A 45 3.44 7.30 -10.13
C GLY A 45 1.95 7.44 -9.96
N LEU A 46 1.55 8.13 -8.91
CA LEU A 46 0.15 8.26 -8.56
C LEU A 46 -0.36 9.67 -8.83
N PRO A 47 -1.64 9.80 -9.19
CA PRO A 47 -2.27 11.10 -9.38
C PRO A 47 -2.41 11.85 -8.07
N THR A 48 -2.02 13.12 -8.10
CA THR A 48 -2.07 14.00 -6.95
C THR A 48 -3.47 14.10 -6.35
N CYS A 49 -4.49 13.94 -7.18
CA CYS A 49 -5.87 14.08 -6.72
C CYS A 49 -6.59 12.72 -6.65
N LEU A 50 -5.81 11.66 -6.56
CA LEU A 50 -6.36 10.31 -6.49
C LEU A 50 -6.71 9.96 -5.05
N ASN A 51 -7.80 9.23 -4.84
CA ASN A 51 -8.22 8.89 -3.49
C ASN A 51 -8.01 7.40 -3.23
N GLN A 52 -7.87 7.05 -1.95
CA GLN A 52 -7.67 5.67 -1.54
C GLN A 52 -8.74 4.75 -2.14
N ASP A 53 -9.95 5.29 -2.25
CA ASP A 53 -11.09 4.57 -2.78
C ASP A 53 -10.84 4.09 -4.19
N GLN A 54 -10.30 4.96 -5.03
CA GLN A 54 -10.02 4.62 -6.42
C GLN A 54 -8.70 3.86 -6.52
N VAL A 55 -7.76 4.21 -5.67
CA VAL A 55 -6.41 3.66 -5.74
C VAL A 55 -6.41 2.16 -5.46
N LYS A 56 -7.26 1.71 -4.55
CA LYS A 56 -7.30 0.32 -4.17
C LYS A 56 -7.81 -0.54 -5.32
N GLU A 57 -8.65 0.05 -6.16
CA GLU A 57 -9.22 -0.66 -7.30
C GLU A 57 -8.12 -1.10 -8.26
N LEU A 58 -7.07 -0.30 -8.33
CA LEU A 58 -5.94 -0.62 -9.18
C LEU A 58 -4.96 -1.53 -8.45
N LEU A 59 -4.76 -1.27 -7.17
CA LEU A 59 -3.75 -2.01 -6.40
C LEU A 59 -4.26 -3.37 -5.95
N GLN A 60 -5.56 -3.50 -5.73
CA GLN A 60 -6.15 -4.76 -5.29
C GLN A 60 -6.60 -5.58 -6.49
N SER A 61 -6.38 -5.05 -7.70
CA SER A 61 -6.81 -5.71 -8.92
C SER A 61 -6.20 -7.11 -9.04
N PHE A 62 -5.06 -7.30 -8.38
CA PHE A 62 -4.40 -8.60 -8.38
C PHE A 62 -4.73 -9.36 -7.10
N GLY A 63 -4.76 -8.66 -5.99
CA GLY A 63 -5.03 -9.28 -4.71
C GLY A 63 -5.54 -8.26 -3.72
N GLU A 64 -6.21 -8.73 -2.71
CA GLU A 64 -6.83 -7.86 -1.72
C GLU A 64 -5.78 -7.18 -0.85
N LEU A 65 -5.94 -5.88 -0.66
CA LEU A 65 -4.99 -5.09 0.11
C LEU A 65 -5.25 -5.21 1.60
N LYS A 66 -4.18 -5.04 2.36
CA LYS A 66 -4.23 -5.01 3.81
C LYS A 66 -4.33 -3.56 4.28
N GLY A 67 -3.78 -2.67 3.48
CA GLY A 67 -3.78 -1.27 3.82
C GLY A 67 -2.78 -0.52 2.98
N LEU A 68 -2.82 0.79 3.02
CA LEU A 68 -1.92 1.59 2.23
C LEU A 68 -1.76 2.98 2.80
N ASN A 69 -0.69 3.61 2.40
CA ASN A 69 -0.45 5.00 2.76
C ASN A 69 -0.22 5.84 1.51
N LEU A 70 -1.29 6.46 1.02
CA LEU A 70 -1.14 7.49 0.01
C LEU A 70 -0.66 8.77 0.68
N VAL A 71 0.64 9.03 0.61
CA VAL A 71 1.21 10.16 1.30
C VAL A 71 0.72 11.47 0.68
N MET A 72 -0.20 12.10 1.39
CA MET A 72 -0.78 13.35 0.94
C MET A 72 -0.09 14.53 1.60
N ASP A 73 0.37 15.44 0.79
CA ASP A 73 1.03 16.65 1.25
C ASP A 73 0.01 17.58 1.91
N THR A 74 0.27 17.98 3.14
CA THR A 74 -0.71 18.72 3.92
C THR A 74 -0.78 20.19 3.51
N ASN A 75 0.13 20.63 2.64
CA ASN A 75 0.15 22.02 2.21
C ASN A 75 -1.03 22.30 1.29
N THR A 76 -1.26 21.40 0.35
CA THR A 76 -2.31 21.57 -0.63
C THR A 76 -3.30 20.40 -0.61
N ASN A 77 -3.06 19.45 0.30
CA ASN A 77 -3.89 18.25 0.44
C ASN A 77 -3.91 17.45 -0.86
N LEU A 78 -2.74 17.18 -1.39
CA LEU A 78 -2.60 16.41 -2.62
C LEU A 78 -1.51 15.35 -2.45
N ASN A 79 -1.70 14.22 -3.11
CA ASN A 79 -0.73 13.12 -3.04
C ASN A 79 0.60 13.54 -3.61
N LYS A 80 1.67 13.02 -3.03
CA LYS A 80 3.01 13.31 -3.51
C LYS A 80 3.31 12.50 -4.77
N GLY A 81 2.40 11.59 -5.10
CA GLY A 81 2.54 10.82 -6.31
C GLY A 81 3.17 9.46 -6.07
N PHE A 82 3.26 9.06 -4.81
CA PHE A 82 3.81 7.77 -4.46
C PHE A 82 3.16 7.29 -3.17
N ALA A 83 3.24 5.99 -2.92
CA ALA A 83 2.60 5.41 -1.76
C ALA A 83 3.31 4.15 -1.30
N PHE A 84 2.78 3.58 -0.24
CA PHE A 84 3.20 2.28 0.25
C PHE A 84 1.96 1.52 0.67
N PHE A 85 1.81 0.31 0.17
CA PHE A 85 0.68 -0.53 0.53
C PHE A 85 1.17 -1.78 1.23
N GLU A 86 0.22 -2.55 1.73
CA GLU A 86 0.50 -3.87 2.25
C GLU A 86 -0.60 -4.80 1.75
N TYR A 87 -0.26 -6.03 1.38
CA TYR A 87 -1.25 -6.98 0.91
C TYR A 87 -1.84 -7.79 2.07
N CYS A 88 -3.09 -8.22 1.92
CA CYS A 88 -3.76 -8.97 2.98
C CYS A 88 -3.14 -10.35 3.14
N ASP A 89 -3.46 -11.25 2.22
CA ASP A 89 -2.89 -12.59 2.22
C ASP A 89 -2.91 -13.23 0.82
N PRO A 90 -2.62 -12.46 -0.24
CA PRO A 90 -2.70 -12.93 -1.62
C PRO A 90 -1.38 -13.50 -2.12
N SER A 91 -1.45 -14.63 -2.82
CA SER A 91 -0.26 -15.25 -3.37
C SER A 91 0.30 -14.40 -4.50
N VAL A 92 -0.53 -13.52 -5.02
CA VAL A 92 -0.15 -12.64 -6.12
C VAL A 92 0.80 -11.54 -5.69
N THR A 93 0.99 -11.38 -4.38
CA THR A 93 1.90 -10.34 -3.84
C THR A 93 3.19 -10.20 -4.66
N ASP A 94 3.84 -11.33 -4.92
CA ASP A 94 5.10 -11.34 -5.66
C ASP A 94 4.89 -10.98 -7.13
N HIS A 95 3.77 -11.43 -7.68
CA HIS A 95 3.49 -11.27 -9.10
C HIS A 95 2.90 -9.89 -9.39
N ALA A 96 2.24 -9.32 -8.39
CA ALA A 96 1.60 -8.01 -8.51
C ALA A 96 2.65 -6.94 -8.71
N ILE A 97 3.77 -7.11 -8.03
CA ILE A 97 4.90 -6.20 -8.18
C ILE A 97 5.35 -6.14 -9.64
N ALA A 98 5.17 -7.25 -10.34
CA ALA A 98 5.53 -7.34 -11.74
C ALA A 98 4.40 -6.85 -12.63
N GLY A 99 3.20 -7.40 -12.42
CA GLY A 99 2.07 -7.09 -13.27
C GLY A 99 1.55 -5.67 -13.10
N LEU A 100 1.43 -5.23 -11.86
CA LEU A 100 0.91 -3.89 -11.57
C LEU A 100 2.01 -2.84 -11.68
N HIS A 101 3.23 -3.29 -11.94
CA HIS A 101 4.41 -2.41 -12.03
C HIS A 101 4.20 -1.25 -13.00
N GLY A 102 3.19 -1.33 -13.85
CA GLY A 102 2.87 -0.23 -14.74
C GLY A 102 1.39 -0.17 -15.04
N MET A 103 0.56 -0.46 -14.05
CA MET A 103 -0.88 -0.56 -14.25
C MET A 103 -1.63 0.53 -13.52
N LEU A 104 -2.19 1.47 -14.28
CA LEU A 104 -3.02 2.52 -13.71
C LEU A 104 -4.21 2.75 -14.63
N LEU A 105 -5.33 3.15 -14.05
CA LEU A 105 -6.56 3.38 -14.81
C LEU A 105 -6.41 4.59 -15.73
N GLY A 106 -6.82 4.43 -16.97
CA GLY A 106 -6.70 5.49 -17.95
C GLY A 106 -5.43 5.37 -18.77
N ASP A 107 -4.82 6.50 -19.07
CA ASP A 107 -3.62 6.52 -19.91
C ASP A 107 -2.37 6.56 -19.05
N ARG A 108 -2.56 6.62 -17.74
CA ARG A 108 -1.45 6.79 -16.82
C ARG A 108 -0.90 5.45 -16.35
N ARG A 109 0.22 5.51 -15.66
CA ARG A 109 0.87 4.32 -15.14
C ARG A 109 1.53 4.62 -13.81
N LEU A 110 1.60 3.60 -12.95
CA LEU A 110 2.26 3.73 -11.66
C LEU A 110 3.33 2.65 -11.53
N VAL A 111 4.37 2.93 -10.77
CA VAL A 111 5.42 1.95 -10.55
C VAL A 111 5.14 1.15 -9.30
N VAL A 112 5.37 -0.14 -9.36
CA VAL A 112 5.23 -0.99 -8.19
C VAL A 112 6.55 -1.67 -7.88
N GLN A 113 7.08 -1.40 -6.69
CA GLN A 113 8.34 -1.98 -6.26
C GLN A 113 8.18 -2.58 -4.87
N ARG A 114 8.99 -3.58 -4.58
CA ARG A 114 8.92 -4.27 -3.30
C ARG A 114 9.91 -3.70 -2.31
N SER A 115 9.42 -3.47 -1.11
CA SER A 115 10.28 -3.10 0.00
C SER A 115 10.65 -4.36 0.77
N ILE A 116 10.39 -5.50 0.15
CA ILE A 116 10.54 -6.79 0.79
C ILE A 116 11.89 -7.41 0.43
N PRO A 117 12.73 -7.67 1.43
CA PRO A 117 14.06 -8.27 1.24
C PRO A 117 13.99 -9.64 0.57
N GLY A 118 14.74 -9.80 -0.51
CA GLY A 118 14.78 -11.07 -1.21
C GLY A 118 15.50 -12.13 -0.41
N GLY A 119 16.52 -11.71 0.33
CA GLY A 119 17.23 -12.62 1.20
C GLY A 119 16.52 -12.79 2.53
N LYS A 120 15.30 -13.30 2.46
CA LYS A 120 14.44 -13.51 3.63
C LYS A 120 13.93 -12.20 4.19
N ASN A 121 12.63 -12.16 4.44
CA ASN A 121 11.98 -10.95 4.94
C ASN A 121 11.64 -11.10 6.42
N ALA A 122 12.47 -11.83 7.14
CA ALA A 122 12.24 -12.08 8.55
C ALA A 122 13.42 -11.59 9.37
N SER A 1 3.41 -11.87 0.10
CA SER A 1 4.23 -13.08 -0.11
C SER A 1 5.32 -12.83 -1.15
N ILE A 2 6.58 -13.06 -0.78
CA ILE A 2 7.69 -12.99 -1.73
C ILE A 2 8.09 -14.38 -2.20
N SER A 3 7.74 -15.37 -1.40
CA SER A 3 7.98 -16.76 -1.71
C SER A 3 7.16 -17.64 -0.76
N VAL A 4 7.51 -17.58 0.52
CA VAL A 4 6.74 -18.25 1.55
C VAL A 4 5.97 -17.21 2.37
N SER A 5 6.72 -16.35 3.04
CA SER A 5 6.13 -15.26 3.82
C SER A 5 5.22 -15.79 4.94
N ALA A 6 4.39 -14.91 5.50
CA ALA A 6 3.48 -15.23 6.59
C ALA A 6 4.23 -15.44 7.91
N MET A 7 5.21 -16.33 7.90
CA MET A 7 6.02 -16.58 9.07
C MET A 7 7.14 -15.55 9.18
N GLU A 8 6.75 -14.28 9.22
CA GLU A 8 7.71 -13.19 9.37
C GLU A 8 8.21 -13.11 10.80
N SER A 9 7.48 -12.39 11.64
CA SER A 9 7.78 -12.33 13.06
C SER A 9 6.87 -13.27 13.83
N TYR A 10 6.06 -14.01 13.07
CA TYR A 10 5.11 -14.98 13.60
C TYR A 10 4.09 -14.30 14.52
N ARG A 11 3.15 -13.60 13.91
CA ARG A 11 2.10 -12.94 14.66
C ARG A 11 0.90 -12.63 13.78
N SER A 12 -0.23 -12.43 14.43
CA SER A 12 -1.46 -12.10 13.74
C SER A 12 -2.46 -11.55 14.75
N PHE A 13 -1.92 -10.97 15.81
CA PHE A 13 -2.73 -10.48 16.92
C PHE A 13 -2.51 -9.00 17.16
N ARG A 14 -2.11 -8.29 16.11
CA ARG A 14 -1.88 -6.85 16.21
C ARG A 14 -3.20 -6.11 16.21
N VAL A 15 -3.89 -6.19 17.34
CA VAL A 15 -5.14 -5.47 17.52
C VAL A 15 -4.85 -3.99 17.78
N PRO A 16 -5.79 -3.12 17.38
CA PRO A 16 -5.70 -1.67 17.55
C PRO A 16 -5.03 -1.22 18.85
N ALA A 17 -4.27 -0.13 18.76
CA ALA A 17 -3.54 0.42 19.89
C ALA A 17 -2.35 -0.47 20.23
N ILE A 18 -1.64 -0.12 21.30
CA ILE A 18 -0.46 -0.87 21.71
C ILE A 18 -0.85 -1.95 22.71
N ASN A 19 -2.15 -2.12 22.89
CA ASN A 19 -2.68 -3.10 23.82
C ASN A 19 -3.14 -4.34 23.08
N VAL A 20 -3.17 -5.46 23.78
CA VAL A 20 -3.63 -6.72 23.21
C VAL A 20 -4.36 -7.54 24.29
N ALA A 21 -5.24 -6.86 25.02
CA ALA A 21 -6.00 -7.50 26.08
C ALA A 21 -7.38 -7.89 25.60
N GLN A 22 -7.46 -9.06 24.96
CA GLN A 22 -8.72 -9.62 24.41
C GLN A 22 -9.59 -8.54 23.78
N GLN A 23 -9.00 -7.77 22.87
CA GLN A 23 -9.69 -6.68 22.21
C GLN A 23 -10.29 -7.15 20.89
N PRO A 24 -11.62 -7.29 20.83
CA PRO A 24 -12.32 -7.69 19.62
C PRO A 24 -12.51 -6.53 18.66
N ALA A 25 -11.45 -6.20 17.93
CA ALA A 25 -11.49 -5.07 17.01
C ALA A 25 -10.71 -5.37 15.74
N VAL A 26 -11.37 -5.30 14.60
CA VAL A 26 -10.72 -5.55 13.31
C VAL A 26 -9.85 -4.36 12.92
N THR A 27 -8.88 -4.60 12.05
CA THR A 27 -7.94 -3.59 11.57
C THR A 27 -7.29 -2.87 12.75
N LEU A 28 -6.83 -1.66 12.53
CA LEU A 28 -6.31 -0.82 13.59
C LEU A 28 -7.15 0.47 13.66
N PRO A 29 -6.95 1.32 14.70
CA PRO A 29 -7.82 2.46 14.94
C PRO A 29 -7.27 3.72 14.27
N VAL A 30 -6.81 3.56 13.05
CA VAL A 30 -6.12 4.63 12.34
C VAL A 30 -6.68 4.75 10.93
N THR A 31 -6.57 5.94 10.37
CA THR A 31 -6.95 6.17 8.99
C THR A 31 -5.77 5.86 8.09
N THR A 32 -6.05 5.52 6.83
CA THR A 32 -5.00 5.23 5.84
C THR A 32 -3.92 4.38 6.47
N ILE A 33 -4.34 3.47 7.32
CA ILE A 33 -3.42 2.57 8.02
C ILE A 33 -2.30 2.07 7.13
N VAL A 34 -1.12 2.58 7.33
CA VAL A 34 0.05 1.98 6.73
C VAL A 34 0.83 1.18 7.79
N PRO A 35 0.83 -0.15 7.68
CA PRO A 35 1.61 -1.02 8.56
C PRO A 35 3.09 -1.05 8.15
N ASP A 36 3.87 -1.90 8.78
CA ASP A 36 5.30 -2.00 8.48
C ASP A 36 5.76 -3.44 8.53
N SER A 37 4.93 -4.31 8.00
CA SER A 37 5.27 -5.72 7.90
C SER A 37 6.05 -5.96 6.60
N PRO A 38 6.83 -7.05 6.52
CA PRO A 38 7.57 -7.40 5.31
C PRO A 38 6.79 -7.16 4.02
N ASN A 39 5.52 -7.54 3.99
CA ASN A 39 4.68 -7.47 2.78
C ASN A 39 4.28 -6.04 2.41
N LYS A 40 5.00 -5.05 2.92
CA LYS A 40 4.73 -3.66 2.58
C LYS A 40 5.36 -3.33 1.22
N ILE A 41 4.53 -2.83 0.32
CA ILE A 41 4.94 -2.56 -1.04
C ILE A 41 4.83 -1.08 -1.36
N TYR A 42 5.71 -0.61 -2.22
CA TYR A 42 5.79 0.78 -2.59
C TYR A 42 5.11 1.04 -3.93
N VAL A 43 4.38 2.15 -4.00
CA VAL A 43 3.82 2.61 -5.26
C VAL A 43 4.23 4.03 -5.52
N GLY A 44 4.84 4.26 -6.66
CA GLY A 44 5.30 5.59 -6.97
C GLY A 44 4.88 6.04 -8.35
N GLY A 45 3.62 6.40 -8.48
CA GLY A 45 3.12 6.95 -9.72
C GLY A 45 1.64 7.21 -9.65
N LEU A 46 1.22 7.79 -8.54
CA LEU A 46 -0.18 8.02 -8.28
C LEU A 46 -0.58 9.42 -8.73
N PRO A 47 -1.71 9.54 -9.44
CA PRO A 47 -2.26 10.84 -9.82
C PRO A 47 -2.63 11.64 -8.58
N THR A 48 -2.29 12.93 -8.61
CA THR A 48 -2.50 13.81 -7.48
C THR A 48 -3.97 13.90 -7.06
N CYS A 49 -4.88 13.67 -8.00
CA CYS A 49 -6.30 13.76 -7.71
C CYS A 49 -6.94 12.37 -7.64
N LEU A 50 -6.10 11.34 -7.59
CA LEU A 50 -6.57 9.96 -7.51
C LEU A 50 -7.22 9.70 -6.15
N ASN A 51 -8.31 8.95 -6.14
CA ASN A 51 -9.06 8.72 -4.92
C ASN A 51 -8.65 7.42 -4.26
N GLN A 52 -8.66 7.42 -2.93
CA GLN A 52 -8.31 6.24 -2.13
C GLN A 52 -9.24 5.07 -2.43
N ASP A 53 -10.40 5.38 -2.98
CA ASP A 53 -11.36 4.35 -3.38
C ASP A 53 -10.91 3.71 -4.67
N GLN A 54 -10.42 4.53 -5.59
CA GLN A 54 -9.97 4.04 -6.89
C GLN A 54 -8.58 3.43 -6.77
N VAL A 55 -7.77 4.00 -5.89
CA VAL A 55 -6.38 3.59 -5.74
C VAL A 55 -6.26 2.10 -5.39
N LYS A 56 -7.20 1.60 -4.60
CA LYS A 56 -7.17 0.22 -4.17
C LYS A 56 -7.58 -0.70 -5.31
N GLU A 57 -8.43 -0.21 -6.20
CA GLU A 57 -8.89 -1.00 -7.34
C GLU A 57 -7.72 -1.36 -8.24
N LEU A 58 -6.75 -0.47 -8.30
CA LEU A 58 -5.56 -0.69 -9.09
C LEU A 58 -4.51 -1.48 -8.31
N LEU A 59 -4.42 -1.22 -7.01
CA LEU A 59 -3.37 -1.83 -6.19
C LEU A 59 -3.78 -3.22 -5.68
N GLN A 60 -5.07 -3.42 -5.45
CA GLN A 60 -5.56 -4.71 -4.99
C GLN A 60 -6.10 -5.52 -6.17
N SER A 61 -5.79 -5.05 -7.37
CA SER A 61 -6.26 -5.69 -8.59
C SER A 61 -5.79 -7.14 -8.68
N PHE A 62 -4.74 -7.46 -7.93
CA PHE A 62 -4.26 -8.82 -7.84
C PHE A 62 -4.70 -9.50 -6.54
N GLY A 63 -4.42 -8.86 -5.40
CA GLY A 63 -4.72 -9.47 -4.12
C GLY A 63 -5.63 -8.62 -3.27
N GLU A 64 -5.42 -8.64 -1.97
CA GLU A 64 -6.21 -7.80 -1.07
C GLU A 64 -5.30 -6.96 -0.19
N LEU A 65 -5.60 -5.67 -0.11
CA LEU A 65 -4.79 -4.73 0.65
C LEU A 65 -5.13 -4.79 2.13
N LYS A 66 -4.09 -4.80 2.94
CA LYS A 66 -4.24 -4.79 4.38
C LYS A 66 -4.29 -3.34 4.87
N GLY A 67 -3.75 -2.45 4.05
CA GLY A 67 -3.75 -1.05 4.38
C GLY A 67 -2.77 -0.27 3.53
N LEU A 68 -3.05 1.02 3.35
CA LEU A 68 -2.17 1.89 2.58
C LEU A 68 -2.36 3.32 3.02
N ASN A 69 -1.27 4.03 3.19
CA ASN A 69 -1.34 5.42 3.62
C ASN A 69 -0.84 6.32 2.49
N LEU A 70 -1.78 6.81 1.70
CA LEU A 70 -1.46 7.79 0.67
C LEU A 70 -1.08 9.09 1.33
N VAL A 71 0.15 9.53 1.12
CA VAL A 71 0.59 10.79 1.68
C VAL A 71 -0.03 11.94 0.90
N MET A 72 -0.99 12.60 1.52
CA MET A 72 -1.68 13.70 0.88
C MET A 72 -1.10 15.04 1.33
N ASP A 73 -0.78 15.87 0.35
CA ASP A 73 -0.27 17.19 0.60
C ASP A 73 -1.41 18.08 1.08
N THR A 74 -1.37 18.46 2.34
CA THR A 74 -2.49 19.17 2.96
C THR A 74 -2.57 20.62 2.48
N ASN A 75 -1.52 21.09 1.80
CA ASN A 75 -1.50 22.47 1.32
C ASN A 75 -2.41 22.65 0.13
N THR A 76 -2.41 21.67 -0.75
CA THR A 76 -3.20 21.74 -1.97
C THR A 76 -4.24 20.61 -2.03
N ASN A 77 -4.28 19.81 -0.97
CA ASN A 77 -5.22 18.69 -0.86
C ASN A 77 -5.02 17.70 -2.00
N LEU A 78 -3.78 17.43 -2.33
CA LEU A 78 -3.47 16.51 -3.43
C LEU A 78 -2.44 15.48 -2.97
N ASN A 79 -2.59 14.26 -3.44
CA ASN A 79 -1.66 13.19 -3.13
C ASN A 79 -0.29 13.49 -3.73
N LYS A 80 0.76 13.18 -2.97
CA LYS A 80 2.13 13.46 -3.39
C LYS A 80 2.51 12.64 -4.62
N GLY A 81 1.76 11.56 -4.87
CA GLY A 81 1.99 10.76 -6.04
C GLY A 81 2.68 9.45 -5.74
N PHE A 82 2.87 9.16 -4.46
CA PHE A 82 3.50 7.91 -4.05
C PHE A 82 2.98 7.52 -2.67
N ALA A 83 3.10 6.25 -2.35
CA ALA A 83 2.67 5.73 -1.05
C ALA A 83 3.13 4.30 -0.86
N PHE A 84 2.67 3.70 0.23
CA PHE A 84 3.01 2.32 0.55
C PHE A 84 1.76 1.57 0.93
N PHE A 85 1.61 0.37 0.39
CA PHE A 85 0.48 -0.47 0.70
C PHE A 85 0.98 -1.84 1.10
N GLU A 86 0.36 -2.41 2.11
CA GLU A 86 0.77 -3.71 2.58
C GLU A 86 -0.27 -4.75 2.19
N TYR A 87 0.17 -5.77 1.50
CA TYR A 87 -0.68 -6.90 1.21
C TYR A 87 -0.79 -7.78 2.45
N CYS A 88 -1.98 -8.33 2.72
CA CYS A 88 -2.15 -9.21 3.87
C CYS A 88 -1.12 -10.35 3.81
N ASP A 89 -1.35 -11.29 2.91
CA ASP A 89 -0.33 -12.27 2.52
C ASP A 89 -0.84 -13.08 1.32
N PRO A 90 -1.08 -12.40 0.20
CA PRO A 90 -1.56 -13.02 -1.02
C PRO A 90 -0.40 -13.50 -1.89
N SER A 91 -0.48 -14.74 -2.37
CA SER A 91 0.58 -15.33 -3.18
C SER A 91 0.77 -14.54 -4.48
N VAL A 92 -0.28 -13.83 -4.87
CA VAL A 92 -0.27 -13.00 -6.07
C VAL A 92 0.64 -11.77 -5.92
N THR A 93 1.12 -11.51 -4.70
CA THR A 93 1.97 -10.35 -4.41
C THR A 93 3.07 -10.18 -5.47
N ASP A 94 3.78 -11.27 -5.76
CA ASP A 94 4.89 -11.23 -6.70
C ASP A 94 4.41 -10.82 -8.09
N HIS A 95 3.24 -11.30 -8.45
CA HIS A 95 2.67 -11.04 -9.77
C HIS A 95 2.08 -9.64 -9.83
N ALA A 96 1.63 -9.14 -8.68
CA ALA A 96 1.13 -7.78 -8.57
C ALA A 96 2.25 -6.79 -8.88
N ILE A 97 3.41 -7.04 -8.29
CA ILE A 97 4.59 -6.22 -8.52
C ILE A 97 5.03 -6.27 -9.98
N ALA A 98 4.66 -7.35 -10.67
CA ALA A 98 4.99 -7.49 -12.08
C ALA A 98 3.92 -6.84 -12.97
N GLY A 99 2.66 -7.23 -12.78
CA GLY A 99 1.60 -6.76 -13.64
C GLY A 99 1.16 -5.34 -13.33
N LEU A 100 1.09 -5.00 -12.05
CA LEU A 100 0.62 -3.68 -11.64
C LEU A 100 1.76 -2.68 -11.66
N HIS A 101 2.96 -3.16 -11.98
CA HIS A 101 4.17 -2.33 -12.02
C HIS A 101 4.01 -1.14 -12.95
N GLY A 102 2.99 -1.19 -13.79
CA GLY A 102 2.67 -0.06 -14.65
C GLY A 102 1.20 -0.04 -15.00
N MET A 103 0.35 -0.36 -14.02
CA MET A 103 -1.08 -0.49 -14.27
C MET A 103 -1.85 0.72 -13.75
N LEU A 104 -2.20 1.60 -14.66
CA LEU A 104 -3.01 2.77 -14.33
C LEU A 104 -3.96 3.04 -15.49
N LEU A 105 -5.18 3.46 -15.16
CA LEU A 105 -6.20 3.68 -16.17
C LEU A 105 -5.81 4.85 -17.09
N GLY A 106 -5.95 4.64 -18.38
CA GLY A 106 -5.57 5.65 -19.35
C GLY A 106 -4.16 5.44 -19.86
N ASP A 107 -3.44 6.54 -20.07
CA ASP A 107 -2.09 6.47 -20.60
C ASP A 107 -1.05 6.73 -19.53
N ARG A 108 -1.48 6.64 -18.28
CA ARG A 108 -0.58 6.83 -17.15
C ARG A 108 -0.19 5.50 -16.56
N ARG A 109 0.79 5.50 -15.66
CA ARG A 109 1.27 4.28 -15.05
C ARG A 109 1.90 4.54 -13.69
N LEU A 110 1.63 3.66 -12.75
CA LEU A 110 2.18 3.77 -11.41
C LEU A 110 3.26 2.71 -11.19
N VAL A 111 4.35 3.07 -10.54
CA VAL A 111 5.43 2.13 -10.30
C VAL A 111 5.14 1.31 -9.06
N VAL A 112 5.43 0.01 -9.12
CA VAL A 112 5.25 -0.87 -7.98
C VAL A 112 6.57 -1.53 -7.62
N GLN A 113 7.04 -1.27 -6.40
CA GLN A 113 8.29 -1.83 -5.92
C GLN A 113 8.10 -2.46 -4.56
N ARG A 114 8.59 -3.66 -4.40
CA ARG A 114 8.45 -4.37 -3.13
C ARG A 114 9.56 -4.01 -2.17
N SER A 115 9.18 -3.69 -0.94
CA SER A 115 10.12 -3.51 0.14
C SER A 115 10.12 -4.76 1.01
N ILE A 116 9.70 -5.86 0.40
CA ILE A 116 9.55 -7.14 1.08
C ILE A 116 10.86 -7.92 1.01
N PRO A 117 11.45 -8.25 2.16
CA PRO A 117 12.69 -9.03 2.20
C PRO A 117 12.47 -10.49 1.80
N GLY A 118 12.66 -10.76 0.52
CA GLY A 118 12.48 -12.11 0.01
C GLY A 118 13.72 -12.95 0.22
N GLY A 119 14.00 -13.27 1.48
CA GLY A 119 15.14 -14.10 1.79
C GLY A 119 16.35 -13.26 2.17
N LYS A 120 17.53 -13.79 1.94
CA LYS A 120 18.76 -13.11 2.27
C LYS A 120 19.34 -12.42 1.04
N ASN A 121 19.36 -13.14 -0.08
CA ASN A 121 19.88 -12.62 -1.35
C ASN A 121 21.27 -12.00 -1.15
N ALA A 122 22.22 -12.83 -0.75
CA ALA A 122 23.60 -12.41 -0.51
C ALA A 122 23.66 -11.37 0.61
#